data_3Q7A
#
_entry.id   3Q7A
#
_cell.length_a   142.713
_cell.length_b   142.713
_cell.length_c   130.439
_cell.angle_alpha   90.00
_cell.angle_beta   90.00
_cell.angle_gamma   90.00
#
_symmetry.space_group_name_H-M   'P 43 21 2'
#
loop_
_entity.id
_entity.type
_entity.pdbx_description
1 polymer 'Farnesyltransferase alpha subunit'
2 polymer 'Farnesyltransferase beta subunit'
3 branched beta-D-fructofuranose-(2-1)-alpha-D-glucopyranose
4 non-polymer 'ZINC ION'
5 non-polymer '(2R)-3-(cyclohexylamino)-2-hydroxypropane-1-sulfonic acid'
6 non-polymer 'SULFATE ION'
7 non-polymer 'FARNESYL DIPHOSPHATE'
8 non-polymer 4-[(5-{[4-(3-CHLOROPHENYL)-3-OXOPIPERAZIN-1-YL]METHYL}-1H-IMIDAZOL-1-YL)METHYL]BENZONITRILE
9 water water
#
loop_
_entity_poly.entity_id
_entity_poly.type
_entity_poly.pdbx_seq_one_letter_code
_entity_poly.pdbx_strand_id
1 'polypeptide(L)'
;MGSSHHHHHHSQDLMVTSTYIPMSQRRSWADVKPIMQDDGPNPVVPIMYSEEYKDAMDYFRAIAAKEEKSERALELTEII
VRMNPAHYTVWQYRFSLLTSLNKSLEDELRLMNEFAVQNLKSYQVWHHRLLLLDRISPQDPVSEIEYIHGSLLPDPKNYH
TWAYLHWLYSHFSTLGRISEAQWGSELDWCNEMLRVDGRNNSAWGWRWYLRVSRPGAETSSRSLQDELIYILKSIHLIPH
NVSAWNYLRGFLKHFSLPLVPILPAILPYTASKLNPDIETVEAFGFPMPSDPLPEDTPLPVPLALEYLADSFIEQNRVDD
AAKVFEKLSSEYDQMRAGYWEFRRRECAE
;
A
2 'polypeptide(L)'
;MATEFTPSVYSLVSKPLPSNSRPSATLDEQAETEDLISQLFDLTADPNALVSEHGKRYSGLRKQEHTQFLASSFFQLPGK
FVSLDASRPWLVFWTVHSLDLLGVALDQGTKDRVVSTLLHFLSPKGGFGGGPANSQIPHLLPTYASVCSLAIAGNDSSTG
GWKDLAAARQSIYEFFMRCKRPDGGFVVCEGGEVDVRGTYCLLVVATLLDIITPELLHNVDKFVSACQTYEGGFACASFP
FPSVVPSTSAFPTSEPSCRVSMAEAHGGYTSCSLNSHFLLTSVPLPSFPLSIDANAALRWTVLQQGEPIEGGGFRGRTNK
LVDGCYSWWVGGGAPVAEELVRREKSRKVKKSRIEVFEEEKEGDWEDVPPIPPIFNRVALQEFTLVAAQQDPGSTGGLRD
KPGKRPDQYHTCNNLSGLSIAQHKMSHSPSTVSSNRLKFDASKGLPAVKPVAPGGGWKNEDERQNARREIWANALGWIEE
EGGEIIVGGKDNRINTTTPVFNILGLRLKPFINYFYCQEN
;
B
#
loop_
_chem_comp.id
_chem_comp.type
_chem_comp.name
_chem_comp.formula
3FX non-polymer '(2R)-3-(cyclohexylamino)-2-hydroxypropane-1-sulfonic acid' 'C9 H19 N O4 S'
778 non-polymer 4-[(5-{[4-(3-CHLOROPHENYL)-3-OXOPIPERAZIN-1-YL]METHYL}-1H-IMIDAZOL-1-YL)METHYL]BENZONITRILE 'C22 H20 Cl N5 O'
FPP non-polymer 'FARNESYL DIPHOSPHATE' 'C15 H28 O7 P2'
FRU D-saccharide, beta linking beta-D-fructofuranose 'C6 H12 O6'
GLC D-saccharide, alpha linking alpha-D-glucopyranose 'C6 H12 O6'
SO4 non-polymer 'SULFATE ION' 'O4 S -2'
ZN non-polymer 'ZINC ION' 'Zn 2'
#
# COMPACT_ATOMS: atom_id res chain seq x y z
N THR A 19 -0.20 -4.99 42.89
CA THR A 19 0.55 -3.71 42.72
C THR A 19 1.87 -3.96 42.00
N TYR A 20 2.20 -3.07 41.06
CA TYR A 20 3.43 -3.15 40.29
C TYR A 20 4.66 -2.78 41.12
N ILE A 21 5.70 -3.61 41.02
CA ILE A 21 6.98 -3.35 41.67
C ILE A 21 7.93 -2.71 40.65
N PRO A 22 8.33 -1.44 40.89
CA PRO A 22 9.27 -0.76 40.01
C PRO A 22 10.61 -1.51 39.91
N MET A 23 11.19 -1.52 38.71
CA MET A 23 12.44 -2.22 38.45
C MET A 23 13.62 -1.65 39.24
N SER A 24 13.49 -0.38 39.66
CA SER A 24 14.50 0.26 40.52
C SER A 24 14.51 -0.31 41.94
N GLN A 25 13.43 -0.99 42.31
CA GLN A 25 13.30 -1.61 43.63
C GLN A 25 13.66 -3.10 43.60
N ARG A 26 13.86 -3.64 42.40
CA ARG A 26 14.22 -5.05 42.23
C ARG A 26 15.72 -5.25 42.33
N ARG A 27 16.13 -6.23 43.13
CA ARG A 27 17.54 -6.52 43.37
C ARG A 27 18.25 -7.12 42.15
N SER A 28 17.47 -7.75 41.26
CA SER A 28 17.97 -8.28 39.99
C SER A 28 18.40 -7.19 39.01
N TRP A 29 17.90 -5.98 39.21
CA TRP A 29 18.16 -4.86 38.29
C TRP A 29 18.92 -3.70 38.95
N ALA A 30 19.37 -3.92 40.19
CA ALA A 30 20.05 -2.88 40.98
C ALA A 30 21.29 -2.28 40.30
N ASP A 31 21.99 -3.10 39.53
CA ASP A 31 23.22 -2.68 38.85
C ASP A 31 22.96 -1.84 37.60
N VAL A 32 21.70 -1.77 37.17
CA VAL A 32 21.34 -1.06 35.94
C VAL A 32 20.80 0.34 36.23
N LYS A 33 21.39 1.34 35.58
CA LYS A 33 20.90 2.70 35.66
C LYS A 33 20.01 2.99 34.45
N PRO A 34 18.70 3.19 34.68
CA PRO A 34 17.76 3.43 33.58
C PRO A 34 18.05 4.71 32.81
N ILE A 35 17.72 4.71 31.53
CA ILE A 35 17.91 5.88 30.66
C ILE A 35 16.55 6.39 30.21
N MET A 36 16.30 7.68 30.42
CA MET A 36 15.02 8.30 30.08
C MET A 36 14.89 8.52 28.57
N GLN A 37 13.65 8.55 28.09
CA GLN A 37 13.37 8.83 26.68
C GLN A 37 13.83 10.24 26.31
N ASP A 38 14.61 10.34 25.23
CA ASP A 38 15.17 11.61 24.80
C ASP A 38 14.26 12.32 23.80
N ASP A 39 13.10 12.75 24.29
CA ASP A 39 12.08 13.40 23.46
C ASP A 39 12.46 14.82 23.02
N GLY A 40 13.29 15.47 23.82
CA GLY A 40 13.56 16.89 23.64
C GLY A 40 12.44 17.72 24.26
N PRO A 41 12.55 19.06 24.16
CA PRO A 41 11.56 19.93 24.81
C PRO A 41 10.19 19.89 24.13
N ASN A 42 9.14 19.80 24.94
CA ASN A 42 7.74 19.91 24.49
C ASN A 42 7.40 19.17 23.19
N PRO A 43 7.57 17.83 23.17
CA PRO A 43 7.34 17.08 21.93
C PRO A 43 5.86 17.05 21.53
N VAL A 44 5.60 16.93 20.23
CA VAL A 44 4.25 16.68 19.76
C VAL A 44 3.92 15.20 19.84
N VAL A 45 2.64 14.87 19.67
CA VAL A 45 2.09 13.51 19.82
C VAL A 45 2.71 12.63 20.93
N PRO A 46 2.87 13.18 22.15
CA PRO A 46 3.41 12.32 23.20
C PRO A 46 2.35 11.36 23.74
N ILE A 47 2.75 10.13 24.01
CA ILE A 47 1.86 9.13 24.57
C ILE A 47 2.04 9.10 26.10
N MET A 48 0.92 9.09 26.82
CA MET A 48 0.94 8.96 28.27
C MET A 48 1.18 7.50 28.64
N TYR A 49 2.44 7.07 28.52
CA TYR A 49 2.81 5.68 28.77
C TYR A 49 2.38 5.24 30.16
N SER A 50 1.89 4.00 30.25
CA SER A 50 1.60 3.39 31.55
C SER A 50 2.90 3.29 32.36
N GLU A 51 2.75 3.20 33.68
CA GLU A 51 3.89 3.05 34.58
C GLU A 51 4.77 1.87 34.14
N GLU A 52 4.12 0.75 33.81
CA GLU A 52 4.80 -0.47 33.40
C GLU A 52 5.61 -0.31 32.12
N TYR A 53 5.01 0.31 31.10
CA TYR A 53 5.66 0.48 29.80
C TYR A 53 6.86 1.44 29.87
N LYS A 54 6.67 2.57 30.54
CA LYS A 54 7.74 3.56 30.74
C LYS A 54 8.93 2.93 31.46
N ASP A 55 8.65 2.22 32.55
CA ASP A 55 9.68 1.56 33.34
C ASP A 55 10.46 0.54 32.51
N ALA A 56 9.74 -0.29 31.75
CA ALA A 56 10.33 -1.30 30.89
C ALA A 56 11.22 -0.68 29.81
N MET A 57 10.74 0.41 29.20
CA MET A 57 11.50 1.12 28.17
C MET A 57 12.73 1.84 28.73
N ASP A 58 12.60 2.40 29.94
CA ASP A 58 13.73 3.04 30.62
C ASP A 58 14.89 2.06 30.81
N TYR A 59 14.55 0.82 31.16
CA TYR A 59 15.55 -0.22 31.38
C TYR A 59 16.03 -0.87 30.10
N PHE A 60 15.14 -0.98 29.11
CA PHE A 60 15.55 -1.44 27.77
C PHE A 60 16.56 -0.50 27.14
N ARG A 61 16.32 0.80 27.25
CA ARG A 61 17.23 1.83 26.75
C ARG A 61 18.64 1.62 27.30
N ALA A 62 18.72 1.32 28.59
CA ALA A 62 19.99 1.06 29.27
C ALA A 62 20.61 -0.25 28.82
N ILE A 63 19.78 -1.29 28.75
CA ILE A 63 20.21 -2.62 28.29
C ILE A 63 20.77 -2.59 26.86
N ALA A 64 20.03 -1.94 25.96
CA ALA A 64 20.40 -1.89 24.55
C ALA A 64 21.63 -1.02 24.29
N ALA A 65 21.74 0.10 25.01
CA ALA A 65 22.90 0.98 24.90
C ALA A 65 24.20 0.28 25.28
N LYS A 66 24.16 -0.53 26.34
CA LYS A 66 25.33 -1.29 26.78
C LYS A 66 25.47 -2.63 26.04
N GLU A 67 24.48 -2.93 25.20
CA GLU A 67 24.44 -4.15 24.38
C GLU A 67 24.55 -5.45 25.19
N GLU A 68 23.86 -5.47 26.33
CA GLU A 68 23.82 -6.65 27.19
C GLU A 68 23.00 -7.77 26.55
N LYS A 69 23.62 -8.95 26.46
CA LYS A 69 22.95 -10.15 25.96
C LYS A 69 22.82 -11.14 27.11
N SER A 70 21.65 -11.12 27.75
CA SER A 70 21.41 -11.90 28.95
C SER A 70 19.98 -12.41 29.02
N GLU A 71 19.71 -13.30 29.98
CA GLU A 71 18.37 -13.84 30.20
C GLU A 71 17.38 -12.77 30.68
N ARG A 72 17.85 -11.86 31.54
CA ARG A 72 17.01 -10.76 32.02
C ARG A 72 16.62 -9.81 30.88
N ALA A 73 17.56 -9.61 29.95
CA ALA A 73 17.31 -8.80 28.76
C ALA A 73 16.28 -9.47 27.86
N LEU A 74 16.37 -10.79 27.75
CA LEU A 74 15.41 -11.58 26.98
C LEU A 74 14.01 -11.48 27.58
N GLU A 75 13.92 -11.68 28.89
CA GLU A 75 12.66 -11.56 29.62
C GLU A 75 12.05 -10.17 29.44
N LEU A 76 12.90 -9.14 29.48
CA LEU A 76 12.44 -7.76 29.32
C LEU A 76 11.83 -7.49 27.93
N THR A 77 12.46 -8.04 26.89
CA THR A 77 11.94 -7.86 25.51
C THR A 77 10.56 -8.47 25.34
N GLU A 78 10.31 -9.58 26.02
CA GLU A 78 8.99 -10.23 25.98
C GLU A 78 7.94 -9.36 26.68
N ILE A 79 8.31 -8.78 27.82
CA ILE A 79 7.45 -7.83 28.54
C ILE A 79 7.01 -6.68 27.63
N ILE A 80 7.97 -6.12 26.90
CA ILE A 80 7.70 -4.96 26.03
C ILE A 80 6.84 -5.31 24.80
N VAL A 81 7.18 -6.39 24.10
CA VAL A 81 6.43 -6.77 22.88
C VAL A 81 5.00 -7.23 23.19
N ARG A 82 4.75 -7.70 24.41
CA ARG A 82 3.39 -8.03 24.82
C ARG A 82 2.53 -6.77 24.96
N MET A 83 3.17 -5.68 25.42
CA MET A 83 2.50 -4.38 25.52
C MET A 83 2.44 -3.67 24.17
N ASN A 84 3.46 -3.86 23.34
CA ASN A 84 3.51 -3.29 22.01
C ASN A 84 4.12 -4.26 20.98
N PRO A 85 3.28 -5.10 20.35
CA PRO A 85 3.70 -6.09 19.35
C PRO A 85 4.37 -5.48 18.11
N ALA A 86 4.21 -4.18 17.90
CA ALA A 86 4.77 -3.51 16.73
C ALA A 86 6.13 -2.84 16.97
N HIS A 87 6.68 -3.01 18.17
CA HIS A 87 7.94 -2.36 18.54
C HIS A 87 9.12 -3.06 17.86
N TYR A 88 9.43 -2.62 16.63
CA TYR A 88 10.42 -3.29 15.78
C TYR A 88 11.84 -3.31 16.37
N THR A 89 12.21 -2.25 17.09
CA THR A 89 13.52 -2.15 17.74
C THR A 89 13.72 -3.28 18.74
N VAL A 90 12.68 -3.53 19.55
CA VAL A 90 12.71 -4.54 20.59
C VAL A 90 12.73 -5.95 20.00
N TRP A 91 12.00 -6.14 18.90
CA TRP A 91 11.98 -7.41 18.17
C TRP A 91 13.35 -7.73 17.57
N GLN A 92 14.00 -6.71 17.02
CA GLN A 92 15.37 -6.84 16.50
C GLN A 92 16.31 -7.27 17.61
N TYR A 93 16.16 -6.63 18.79
CA TYR A 93 16.99 -6.96 19.93
C TYR A 93 16.71 -8.38 20.45
N ARG A 94 15.43 -8.78 20.43
CA ARG A 94 15.03 -10.11 20.87
C ARG A 94 15.69 -11.22 20.04
N PHE A 95 15.70 -11.05 18.72
CA PHE A 95 16.32 -12.05 17.85
C PHE A 95 17.82 -12.14 18.07
N SER A 96 18.46 -11.00 18.28
CA SER A 96 19.89 -10.94 18.64
C SER A 96 20.17 -11.71 19.93
N LEU A 97 19.24 -11.58 20.89
CA LEU A 97 19.33 -12.29 22.16
C LEU A 97 19.19 -13.80 21.98
N LEU A 98 18.26 -14.22 21.13
CA LEU A 98 18.03 -15.65 20.87
C LEU A 98 19.26 -16.32 20.26
N THR A 99 19.94 -15.63 19.36
CA THR A 99 21.14 -16.16 18.71
C THR A 99 22.37 -16.09 19.63
N SER A 100 22.53 -14.99 20.37
CA SER A 100 23.65 -14.83 21.30
C SER A 100 23.63 -15.85 22.42
N LEU A 101 22.45 -16.07 22.99
CA LEU A 101 22.28 -16.97 24.13
C LEU A 101 22.10 -18.43 23.70
N ASN A 102 22.08 -18.67 22.39
CA ASN A 102 21.84 -20.01 21.83
C ASN A 102 20.55 -20.62 22.39
N LYS A 103 19.48 -19.82 22.35
CA LYS A 103 18.18 -20.23 22.88
C LYS A 103 17.51 -21.22 21.94
N SER A 104 16.65 -22.07 22.51
CA SER A 104 15.84 -23.00 21.72
C SER A 104 14.87 -22.22 20.84
N LEU A 105 15.09 -22.31 19.53
CA LEU A 105 14.26 -21.59 18.57
C LEU A 105 12.89 -22.28 18.39
N GLU A 106 12.85 -23.57 18.69
CA GLU A 106 11.60 -24.34 18.68
C GLU A 106 10.67 -23.88 19.79
N ASP A 107 11.24 -23.61 20.96
CA ASP A 107 10.50 -23.02 22.09
C ASP A 107 9.97 -21.63 21.76
N GLU A 108 10.79 -20.85 21.06
CA GLU A 108 10.38 -19.50 20.62
C GLU A 108 9.22 -19.57 19.63
N LEU A 109 9.26 -20.52 18.71
CA LEU A 109 8.14 -20.77 17.80
C LEU A 109 6.84 -21.04 18.54
N ARG A 110 6.92 -21.85 19.60
CA ARG A 110 5.76 -22.16 20.44
C ARG A 110 5.21 -20.90 21.12
N LEU A 111 6.11 -20.01 21.54
CA LEU A 111 5.70 -18.72 22.09
C LEU A 111 4.99 -17.86 21.05
N MET A 112 5.48 -17.89 19.81
CA MET A 112 4.85 -17.17 18.70
C MET A 112 3.45 -17.70 18.38
N ASN A 113 3.26 -19.01 18.52
CA ASN A 113 1.93 -19.62 18.40
C ASN A 113 1.00 -19.06 19.48
N GLU A 114 1.50 -18.97 20.70
CA GLU A 114 0.76 -18.40 21.83
C GLU A 114 0.39 -16.93 21.58
N PHE A 115 1.31 -16.17 21.00
CA PHE A 115 1.08 -14.77 20.63
C PHE A 115 -0.14 -14.62 19.71
N ALA A 116 -0.26 -15.50 18.72
CA ALA A 116 -1.40 -15.51 17.79
C ALA A 116 -2.71 -15.80 18.52
N VAL A 117 -2.67 -16.76 19.45
CA VAL A 117 -3.83 -17.13 20.28
C VAL A 117 -4.23 -15.96 21.20
N GLN A 118 -3.23 -15.25 21.71
CA GLN A 118 -3.47 -14.10 22.59
C GLN A 118 -3.76 -12.81 21.81
N ASN A 119 -3.91 -12.95 20.49
CA ASN A 119 -4.28 -11.84 19.60
C ASN A 119 -3.19 -10.76 19.48
N LEU A 120 -1.94 -11.16 19.69
CA LEU A 120 -0.79 -10.27 19.55
C LEU A 120 -0.16 -10.48 18.18
N LYS A 121 -0.36 -9.51 17.29
CA LYS A 121 0.06 -9.64 15.90
C LYS A 121 0.59 -8.35 15.28
N SER A 122 1.44 -8.49 14.27
CA SER A 122 2.03 -7.37 13.53
C SER A 122 2.90 -7.89 12.39
N TYR A 123 3.39 -6.98 11.55
CA TYR A 123 4.46 -7.28 10.58
C TYR A 123 5.63 -7.96 11.30
N GLN A 124 5.96 -7.45 12.48
CA GLN A 124 7.14 -7.85 13.25
C GLN A 124 7.07 -9.30 13.73
N VAL A 125 5.90 -9.71 14.22
CA VAL A 125 5.68 -11.09 14.68
C VAL A 125 5.84 -12.07 13.51
N TRP A 126 5.23 -11.74 12.37
CA TRP A 126 5.34 -12.56 11.17
C TRP A 126 6.76 -12.62 10.62
N HIS A 127 7.48 -11.50 10.68
CA HIS A 127 8.86 -11.48 10.23
C HIS A 127 9.77 -12.26 11.18
N HIS A 128 9.51 -12.14 12.49
CA HIS A 128 10.21 -12.91 13.52
C HIS A 128 10.04 -14.41 13.24
N ARG A 129 8.82 -14.82 12.90
CA ARG A 129 8.54 -16.20 12.55
C ARG A 129 9.35 -16.66 11.34
N LEU A 130 9.42 -15.82 10.31
CA LEU A 130 10.25 -16.08 9.13
C LEU A 130 11.70 -16.30 9.52
N LEU A 131 12.24 -15.40 10.33
CA LEU A 131 13.64 -15.48 10.76
C LEU A 131 13.92 -16.78 11.53
N LEU A 132 12.97 -17.18 12.37
CA LEU A 132 13.09 -18.43 13.13
C LEU A 132 13.13 -19.66 12.24
N LEU A 133 12.22 -19.73 11.28
CA LEU A 133 12.17 -20.86 10.34
C LEU A 133 13.39 -20.90 9.42
N ASP A 134 13.86 -19.73 9.03
CA ASP A 134 15.08 -19.61 8.24
C ASP A 134 16.26 -20.22 9.01
N ARG A 135 16.37 -19.88 10.30
CA ARG A 135 17.50 -20.31 11.11
C ARG A 135 17.38 -21.78 11.54
N ILE A 136 16.21 -22.18 12.04
CA ILE A 136 15.94 -23.58 12.37
C ILE A 136 16.24 -24.44 11.14
N SER A 137 15.74 -24.00 9.99
CA SER A 137 15.94 -24.68 8.71
C SER A 137 15.62 -26.17 8.80
N PRO A 138 14.37 -26.53 9.13
CA PRO A 138 14.03 -27.95 9.26
C PRO A 138 14.17 -28.68 7.93
N GLN A 139 14.51 -29.96 7.98
CA GLN A 139 14.62 -30.79 6.77
C GLN A 139 13.26 -30.97 6.09
N ASP A 140 12.21 -31.11 6.90
CA ASP A 140 10.84 -31.16 6.38
C ASP A 140 9.98 -30.13 7.12
N PRO A 141 9.48 -29.12 6.39
CA PRO A 141 8.70 -28.04 7.01
C PRO A 141 7.20 -28.32 7.14
N VAL A 142 6.81 -29.58 6.98
CA VAL A 142 5.39 -29.98 6.97
C VAL A 142 4.58 -29.51 8.20
N SER A 143 5.16 -29.63 9.40
CA SER A 143 4.46 -29.25 10.62
C SER A 143 4.19 -27.74 10.68
N GLU A 144 5.13 -26.95 10.16
CA GLU A 144 4.95 -25.51 10.05
C GLU A 144 3.87 -25.16 9.02
N ILE A 145 3.88 -25.88 7.88
CA ILE A 145 2.86 -25.72 6.85
C ILE A 145 1.47 -26.03 7.44
N GLU A 146 1.40 -27.11 8.22
CA GLU A 146 0.16 -27.51 8.90
C GLU A 146 -0.33 -26.44 9.87
N TYR A 147 0.59 -25.89 10.68
CA TYR A 147 0.23 -24.81 11.58
C TYR A 147 -0.38 -23.62 10.83
N ILE A 148 0.27 -23.23 9.73
CA ILE A 148 -0.17 -22.08 8.94
C ILE A 148 -1.57 -22.28 8.36
N HIS A 149 -1.84 -23.49 7.87
CA HIS A 149 -3.18 -23.84 7.39
C HIS A 149 -4.24 -23.66 8.49
N GLY A 150 -3.94 -24.17 9.68
CA GLY A 150 -4.84 -24.06 10.83
C GLY A 150 -5.07 -22.63 11.27
N SER A 151 -4.01 -21.82 11.22
CA SER A 151 -4.08 -20.41 11.63
C SER A 151 -4.96 -19.57 10.69
N LEU A 152 -5.16 -20.05 9.48
CA LEU A 152 -6.01 -19.36 8.50
C LEU A 152 -7.51 -19.55 8.72
N LEU A 153 -7.88 -20.51 9.56
CA LEU A 153 -9.30 -20.82 9.81
C LEU A 153 -10.14 -19.66 10.37
N PRO A 154 -9.67 -18.99 11.44
CA PRO A 154 -10.44 -17.84 11.92
C PRO A 154 -10.22 -16.57 11.11
N ASP A 155 -9.27 -16.61 10.18
CA ASP A 155 -8.85 -15.43 9.44
C ASP A 155 -8.38 -15.82 8.03
N PRO A 156 -9.32 -16.25 7.15
CA PRO A 156 -8.99 -16.90 5.87
C PRO A 156 -8.32 -16.00 4.83
N LYS A 157 -8.25 -14.69 5.09
CA LYS A 157 -7.70 -13.74 4.14
C LYS A 157 -6.55 -12.90 4.69
N ASN A 158 -6.08 -13.25 5.89
CA ASN A 158 -4.97 -12.53 6.52
C ASN A 158 -3.78 -12.43 5.56
N TYR A 159 -3.47 -11.20 5.14
CA TYR A 159 -2.48 -10.97 4.10
C TYR A 159 -1.09 -11.46 4.49
N HIS A 160 -0.68 -11.16 5.72
CA HIS A 160 0.64 -11.57 6.23
C HIS A 160 0.80 -13.09 6.18
N THR A 161 -0.24 -13.81 6.59
CA THR A 161 -0.21 -15.27 6.62
C THR A 161 -0.02 -15.85 5.22
N TRP A 162 -0.78 -15.33 4.26
CA TRP A 162 -0.67 -15.78 2.87
C TRP A 162 0.71 -15.49 2.28
N ALA A 163 1.26 -14.30 2.56
CA ALA A 163 2.61 -13.95 2.10
C ALA A 163 3.67 -14.84 2.73
N TYR A 164 3.50 -15.15 4.00
CA TYR A 164 4.40 -16.05 4.72
C TYR A 164 4.37 -17.46 4.13
N LEU A 165 3.18 -17.96 3.82
CA LEU A 165 3.03 -19.28 3.18
C LEU A 165 3.75 -19.34 1.84
N HIS A 166 3.64 -18.27 1.05
CA HIS A 166 4.38 -18.15 -0.21
C HIS A 166 5.89 -18.23 0.03
N TRP A 167 6.37 -17.49 1.04
CA TRP A 167 7.79 -17.51 1.39
C TRP A 167 8.25 -18.90 1.82
N LEU A 168 7.48 -19.52 2.71
CA LEU A 168 7.81 -20.84 3.26
C LEU A 168 8.04 -21.88 2.16
N TYR A 169 7.08 -22.00 1.26
CA TYR A 169 7.19 -22.92 0.14
C TYR A 169 8.29 -22.51 -0.85
N SER A 170 8.47 -21.21 -1.05
CA SER A 170 9.50 -20.72 -1.98
C SER A 170 10.91 -20.98 -1.44
N HIS A 171 11.15 -20.56 -0.19
CA HIS A 171 12.43 -20.74 0.47
C HIS A 171 12.85 -22.22 0.55
N PHE A 172 11.94 -23.05 1.05
CA PHE A 172 12.26 -24.47 1.26
C PHE A 172 12.33 -25.28 -0.03
N SER A 173 11.66 -24.82 -1.08
CA SER A 173 11.74 -25.47 -2.39
C SER A 173 13.11 -25.25 -3.04
N THR A 174 13.70 -24.07 -2.83
CA THR A 174 15.06 -23.80 -3.32
C THR A 174 16.09 -24.71 -2.64
N LEU A 175 15.76 -25.17 -1.44
CA LEU A 175 16.61 -26.12 -0.72
C LEU A 175 16.29 -27.57 -1.08
N GLY A 176 15.39 -27.75 -2.04
CA GLY A 176 14.97 -29.06 -2.52
C GLY A 176 14.19 -29.87 -1.50
N ARG A 177 13.54 -29.19 -0.56
CA ARG A 177 12.91 -29.86 0.58
C ARG A 177 11.38 -30.03 0.50
N ILE A 178 10.80 -29.64 -0.64
CA ILE A 178 9.37 -29.87 -0.88
C ILE A 178 9.18 -30.99 -1.88
N SER A 179 8.62 -32.11 -1.41
CA SER A 179 8.36 -33.26 -2.27
C SER A 179 7.12 -33.05 -3.14
N GLU A 180 6.99 -33.89 -4.17
CA GLU A 180 5.82 -33.88 -5.04
C GLU A 180 4.53 -34.20 -4.28
N ALA A 181 4.61 -35.12 -3.32
CA ALA A 181 3.47 -35.41 -2.44
C ALA A 181 3.07 -34.17 -1.64
N GLN A 182 4.05 -33.41 -1.15
CA GLN A 182 3.81 -32.17 -0.42
C GLN A 182 3.12 -31.12 -1.29
N TRP A 183 3.57 -30.99 -2.54
CA TRP A 183 2.91 -30.10 -3.50
C TRP A 183 1.48 -30.55 -3.79
N GLY A 184 1.28 -31.86 -3.90
CA GLY A 184 -0.03 -32.45 -4.14
C GLY A 184 -1.04 -32.16 -3.05
N SER A 185 -0.63 -32.33 -1.80
CA SER A 185 -1.50 -32.07 -0.65
C SER A 185 -1.79 -30.57 -0.50
N GLU A 186 -0.83 -29.74 -0.92
CA GLU A 186 -1.03 -28.29 -0.89
C GLU A 186 -2.09 -27.85 -1.88
N LEU A 187 -2.11 -28.45 -3.07
CA LEU A 187 -3.16 -28.19 -4.04
C LEU A 187 -4.51 -28.69 -3.55
N ASP A 188 -4.51 -29.88 -2.93
CA ASP A 188 -5.72 -30.42 -2.29
C ASP A 188 -6.28 -29.44 -1.28
N TRP A 189 -5.41 -28.92 -0.42
CA TRP A 189 -5.81 -27.96 0.61
C TRP A 189 -6.35 -26.66 0.00
N CYS A 190 -5.69 -26.17 -1.05
CA CYS A 190 -6.12 -24.96 -1.74
C CYS A 190 -7.49 -25.13 -2.42
N ASN A 191 -7.72 -26.33 -2.97
CA ASN A 191 -9.02 -26.66 -3.57
C ASN A 191 -10.15 -26.65 -2.55
N GLU A 192 -9.86 -27.14 -1.35
CA GLU A 192 -10.83 -27.16 -0.26
C GLU A 192 -11.15 -25.74 0.23
N MET A 193 -10.13 -24.89 0.31
CA MET A 193 -10.33 -23.47 0.67
C MET A 193 -11.25 -22.78 -0.33
N LEU A 194 -11.06 -23.06 -1.61
CA LEU A 194 -11.89 -22.49 -2.67
C LEU A 194 -13.28 -23.11 -2.73
N ARG A 195 -13.41 -24.34 -2.24
CA ARG A 195 -14.72 -24.98 -2.10
C ARG A 195 -15.50 -24.33 -0.96
N VAL A 196 -14.83 -24.07 0.15
CA VAL A 196 -15.44 -23.43 1.32
C VAL A 196 -15.88 -21.99 1.01
N ASP A 197 -15.05 -21.25 0.27
CA ASP A 197 -15.38 -19.90 -0.17
C ASP A 197 -14.72 -19.58 -1.51
N GLY A 198 -15.50 -19.70 -2.58
CA GLY A 198 -15.01 -19.43 -3.94
C GLY A 198 -14.65 -17.97 -4.20
N ARG A 199 -15.10 -17.09 -3.31
CA ARG A 199 -14.80 -15.67 -3.42
C ARG A 199 -13.57 -15.27 -2.61
N ASN A 200 -12.85 -16.26 -2.05
CA ASN A 200 -11.61 -15.98 -1.34
C ASN A 200 -10.46 -15.75 -2.34
N ASN A 201 -10.21 -14.47 -2.63
CA ASN A 201 -9.21 -14.08 -3.61
C ASN A 201 -7.79 -14.47 -3.20
N SER A 202 -7.56 -14.61 -1.89
CA SER A 202 -6.26 -15.03 -1.37
C SER A 202 -5.95 -16.47 -1.77
N ALA A 203 -6.99 -17.31 -1.76
CA ALA A 203 -6.86 -18.72 -2.13
C ALA A 203 -6.66 -18.87 -3.64
N TRP A 204 -7.35 -18.05 -4.43
CA TRP A 204 -7.12 -17.97 -5.87
C TRP A 204 -5.67 -17.60 -6.18
N GLY A 205 -5.13 -16.63 -5.44
CA GLY A 205 -3.73 -16.22 -5.58
C GLY A 205 -2.77 -17.35 -5.27
N TRP A 206 -3.10 -18.14 -4.25
CA TRP A 206 -2.31 -19.31 -3.88
C TRP A 206 -2.39 -20.38 -4.95
N ARG A 207 -3.56 -20.52 -5.59
CA ARG A 207 -3.72 -21.47 -6.69
C ARG A 207 -2.81 -21.08 -7.87
N TRP A 208 -2.75 -19.78 -8.16
CA TRP A 208 -1.89 -19.26 -9.21
C TRP A 208 -0.43 -19.65 -8.98
N TYR A 209 0.04 -19.49 -7.74
CA TYR A 209 1.40 -19.92 -7.37
C TYR A 209 1.60 -21.41 -7.63
N LEU A 210 0.67 -22.22 -7.13
CA LEU A 210 0.78 -23.68 -7.21
C LEU A 210 0.71 -24.22 -8.63
N ARG A 211 -0.13 -23.58 -9.46
CA ARG A 211 -0.44 -24.09 -10.80
C ARG A 211 0.26 -23.38 -11.94
N VAL A 212 0.72 -22.14 -11.71
CA VAL A 212 1.27 -21.33 -12.80
C VAL A 212 2.69 -20.79 -12.52
N SER A 213 2.84 -20.00 -11.45
CA SER A 213 4.05 -19.19 -11.28
C SER A 213 5.26 -19.89 -10.66
N ARG A 214 5.04 -20.86 -9.77
CA ARG A 214 6.16 -21.53 -9.12
C ARG A 214 7.03 -22.27 -10.16
N PRO A 215 8.36 -22.30 -9.93
CA PRO A 215 9.29 -22.92 -10.87
C PRO A 215 8.92 -24.36 -11.26
N GLY A 216 8.43 -25.14 -10.30
CA GLY A 216 8.10 -26.55 -10.54
C GLY A 216 6.69 -26.83 -11.00
N ALA A 217 5.94 -25.79 -11.35
CA ALA A 217 4.55 -25.94 -11.81
C ALA A 217 4.47 -26.74 -13.11
N GLU A 218 3.53 -27.68 -13.14
CA GLU A 218 3.33 -28.51 -14.32
C GLU A 218 2.46 -27.75 -15.32
N THR A 219 3.07 -27.36 -16.44
CA THR A 219 2.37 -26.54 -17.43
C THR A 219 2.40 -27.13 -18.84
N SER A 220 2.09 -28.43 -18.93
CA SER A 220 1.95 -29.11 -20.21
C SER A 220 0.60 -28.77 -20.85
N SER A 221 0.39 -29.20 -22.09
CA SER A 221 -0.85 -28.92 -22.84
C SER A 221 -2.10 -29.43 -22.13
N ARG A 222 -2.06 -30.68 -21.65
CA ARG A 222 -3.19 -31.27 -20.92
C ARG A 222 -3.37 -30.64 -19.52
N SER A 223 -2.28 -30.15 -18.96
CA SER A 223 -2.31 -29.45 -17.67
C SER A 223 -3.04 -28.12 -17.79
N LEU A 224 -2.81 -27.43 -18.90
CA LEU A 224 -3.50 -26.16 -19.19
C LEU A 224 -4.98 -26.39 -19.51
N GLN A 225 -5.27 -27.53 -20.14
CA GLN A 225 -6.65 -27.95 -20.41
C GLN A 225 -7.41 -28.16 -19.11
N ASP A 226 -6.82 -28.89 -18.17
CA ASP A 226 -7.42 -29.15 -16.87
C ASP A 226 -7.65 -27.86 -16.08
N GLU A 227 -6.70 -26.93 -16.18
CA GLU A 227 -6.80 -25.65 -15.48
C GLU A 227 -7.97 -24.82 -16.02
N LEU A 228 -8.09 -24.76 -17.35
CA LEU A 228 -9.22 -24.08 -18.00
C LEU A 228 -10.56 -24.64 -17.55
N ILE A 229 -10.66 -25.97 -17.47
CA ILE A 229 -11.88 -26.64 -17.01
C ILE A 229 -12.22 -26.20 -15.58
N TYR A 230 -11.23 -26.22 -14.70
CA TYR A 230 -11.41 -25.77 -13.32
C TYR A 230 -11.91 -24.33 -13.24
N ILE A 231 -11.29 -23.44 -14.02
CA ILE A 231 -11.64 -22.02 -14.02
C ILE A 231 -13.09 -21.79 -14.47
N LEU A 232 -13.45 -22.40 -15.59
CA LEU A 232 -14.80 -22.24 -16.17
C LEU A 232 -15.88 -22.80 -15.25
N LYS A 233 -15.62 -23.95 -14.64
CA LYS A 233 -16.53 -24.55 -13.66
C LYS A 233 -16.73 -23.67 -12.44
N SER A 234 -15.67 -22.96 -12.06
CA SER A 234 -15.75 -21.97 -10.98
C SER A 234 -16.60 -20.78 -11.39
N ILE A 235 -16.45 -20.33 -12.64
CA ILE A 235 -17.26 -19.26 -13.19
C ILE A 235 -18.74 -19.67 -13.25
N HIS A 236 -19.01 -20.88 -13.76
CA HIS A 236 -20.40 -21.36 -13.90
C HIS A 236 -21.09 -21.52 -12.55
N LEU A 237 -20.31 -21.81 -11.51
CA LEU A 237 -20.82 -21.93 -10.15
C LEU A 237 -21.15 -20.56 -9.56
N ILE A 238 -20.27 -19.57 -9.78
CA ILE A 238 -20.46 -18.21 -9.28
C ILE A 238 -20.16 -17.19 -10.39
N PRO A 239 -21.11 -16.96 -11.32
CA PRO A 239 -20.91 -16.08 -12.49
C PRO A 239 -20.45 -14.65 -12.19
N HIS A 240 -20.85 -14.11 -11.04
CA HIS A 240 -20.47 -12.75 -10.66
C HIS A 240 -19.19 -12.67 -9.81
N ASN A 241 -18.49 -13.79 -9.69
CA ASN A 241 -17.24 -13.84 -8.92
C ASN A 241 -16.07 -13.20 -9.66
N VAL A 242 -15.76 -11.96 -9.29
CA VAL A 242 -14.65 -11.21 -9.89
C VAL A 242 -13.31 -11.95 -9.81
N SER A 243 -13.07 -12.64 -8.69
CA SER A 243 -11.86 -13.45 -8.52
C SER A 243 -11.67 -14.47 -9.65
N ALA A 244 -12.75 -15.15 -10.01
CA ALA A 244 -12.73 -16.18 -11.05
C ALA A 244 -12.44 -15.60 -12.43
N TRP A 245 -13.06 -14.47 -12.73
CA TRP A 245 -12.85 -13.76 -14.00
C TRP A 245 -11.42 -13.24 -14.15
N ASN A 246 -10.89 -12.60 -13.10
CA ASN A 246 -9.51 -12.12 -13.10
C ASN A 246 -8.50 -13.25 -13.31
N TYR A 247 -8.78 -14.40 -12.70
CA TYR A 247 -7.94 -15.59 -12.88
C TYR A 247 -7.97 -16.11 -14.33
N LEU A 248 -9.18 -16.17 -14.91
CA LEU A 248 -9.34 -16.59 -16.30
C LEU A 248 -8.55 -15.70 -17.24
N ARG A 249 -8.75 -14.39 -17.11
CA ARG A 249 -8.09 -13.41 -17.97
C ARG A 249 -6.57 -13.42 -17.76
N GLY A 250 -6.13 -13.57 -16.51
CA GLY A 250 -4.71 -13.69 -16.19
C GLY A 250 -4.10 -14.94 -16.80
N PHE A 251 -4.84 -16.04 -16.75
CA PHE A 251 -4.39 -17.34 -17.27
C PHE A 251 -4.19 -17.33 -18.79
N LEU A 252 -5.19 -16.83 -19.52
CA LEU A 252 -5.12 -16.79 -20.99
C LEU A 252 -4.03 -15.84 -21.47
N LYS A 253 -3.85 -14.74 -20.76
CA LYS A 253 -2.84 -13.74 -21.08
C LYS A 253 -1.42 -14.27 -20.87
N HIS A 254 -1.21 -14.96 -19.75
CA HIS A 254 0.11 -15.50 -19.39
C HIS A 254 0.58 -16.59 -20.34
N PHE A 255 -0.35 -17.43 -20.81
CA PHE A 255 -0.02 -18.52 -21.72
C PHE A 255 -0.32 -18.20 -23.19
N SER A 256 -0.58 -16.91 -23.47
CA SER A 256 -0.88 -16.43 -24.83
C SER A 256 -1.95 -17.26 -25.54
N LEU A 257 -3.05 -17.52 -24.84
CA LEU A 257 -4.14 -18.33 -25.39
C LEU A 257 -5.26 -17.45 -25.92
N PRO A 258 -5.71 -17.71 -27.17
CA PRO A 258 -6.82 -16.97 -27.78
C PRO A 258 -8.10 -17.05 -26.95
N LEU A 259 -8.87 -15.96 -26.95
CA LEU A 259 -10.12 -15.88 -26.20
C LEU A 259 -11.29 -16.50 -26.96
N VAL A 260 -11.23 -16.41 -28.28
CA VAL A 260 -12.32 -16.86 -29.17
C VAL A 260 -12.78 -18.32 -28.97
N PRO A 261 -11.84 -19.28 -28.88
CA PRO A 261 -12.26 -20.68 -28.75
C PRO A 261 -13.00 -21.00 -27.45
N ILE A 262 -12.85 -20.15 -26.43
CA ILE A 262 -13.52 -20.34 -25.15
C ILE A 262 -14.81 -19.52 -25.07
N LEU A 263 -15.01 -18.63 -26.05
CA LEU A 263 -16.16 -17.71 -26.08
C LEU A 263 -17.55 -18.35 -25.88
N PRO A 264 -17.79 -19.55 -26.47
CA PRO A 264 -19.10 -20.20 -26.25
C PRO A 264 -19.47 -20.42 -24.78
N ALA A 265 -18.47 -20.58 -23.93
CA ALA A 265 -18.70 -20.78 -22.49
C ALA A 265 -19.02 -19.48 -21.73
N ILE A 266 -18.65 -18.35 -22.33
CA ILE A 266 -18.82 -17.03 -21.70
C ILE A 266 -20.01 -16.27 -22.28
N LEU A 267 -20.31 -16.55 -23.55
CA LEU A 267 -21.35 -15.84 -24.29
C LEU A 267 -22.73 -15.72 -23.60
N PRO A 268 -23.19 -16.81 -22.92
CA PRO A 268 -24.47 -16.71 -22.20
C PRO A 268 -24.52 -15.64 -21.10
N TYR A 269 -23.37 -15.22 -20.59
CA TYR A 269 -23.32 -14.18 -19.55
C TYR A 269 -23.32 -12.76 -20.12
N THR A 270 -23.31 -12.65 -21.44
CA THR A 270 -23.33 -11.34 -22.11
C THR A 270 -24.74 -10.93 -22.55
N ALA A 271 -25.65 -11.91 -22.58
CA ALA A 271 -27.03 -11.67 -22.99
C ALA A 271 -27.81 -10.90 -21.93
N PHE A 286 -15.31 -28.04 -23.39
CA PHE A 286 -15.21 -27.20 -22.19
C PHE A 286 -16.57 -27.05 -21.49
N PRO A 287 -16.55 -26.86 -20.15
CA PRO A 287 -17.78 -26.71 -19.38
C PRO A 287 -18.62 -25.51 -19.83
N MET A 288 -19.93 -25.73 -19.92
CA MET A 288 -20.90 -24.70 -20.30
C MET A 288 -21.72 -24.26 -19.09
N PRO A 289 -22.35 -23.06 -19.16
CA PRO A 289 -23.21 -22.61 -18.07
C PRO A 289 -24.35 -23.58 -17.77
N SER A 290 -24.83 -23.58 -16.53
CA SER A 290 -25.89 -24.49 -16.08
C SER A 290 -27.19 -24.32 -16.87
N PRO A 292 -30.46 -24.28 -17.13
CA PRO A 292 -30.85 -22.97 -16.64
C PRO A 292 -29.84 -22.38 -15.66
N LEU A 293 -29.57 -21.08 -15.79
CA LEU A 293 -28.61 -20.37 -14.94
C LEU A 293 -29.05 -20.41 -13.47
N PRO A 294 -28.08 -20.35 -12.53
CA PRO A 294 -28.42 -20.30 -11.12
C PRO A 294 -29.31 -19.09 -10.79
N GLU A 295 -30.16 -19.23 -9.77
CA GLU A 295 -31.01 -18.13 -9.34
C GLU A 295 -30.17 -16.98 -8.80
N ASP A 296 -30.72 -15.76 -8.92
CA ASP A 296 -30.02 -14.54 -8.52
C ASP A 296 -28.74 -14.32 -9.35
N THR A 297 -28.90 -14.38 -10.67
CA THR A 297 -27.81 -14.14 -11.61
C THR A 297 -28.27 -13.17 -12.71
N PRO A 298 -28.40 -11.87 -12.36
CA PRO A 298 -28.84 -10.89 -13.36
C PRO A 298 -27.81 -10.68 -14.46
N LEU A 299 -28.28 -10.51 -15.68
CA LEU A 299 -27.41 -10.39 -16.85
C LEU A 299 -27.50 -8.99 -17.47
N PRO A 300 -26.42 -8.54 -18.13
CA PRO A 300 -25.15 -9.23 -18.34
C PRO A 300 -24.15 -9.04 -17.20
N VAL A 301 -23.18 -9.95 -17.11
CA VAL A 301 -22.07 -9.83 -16.15
C VAL A 301 -21.01 -8.92 -16.78
N PRO A 302 -20.68 -7.79 -16.11
CA PRO A 302 -19.76 -6.80 -16.67
C PRO A 302 -18.46 -7.37 -17.22
N LEU A 303 -17.84 -8.30 -16.49
CA LEU A 303 -16.57 -8.89 -16.92
C LEU A 303 -16.70 -9.90 -18.06
N ALA A 304 -17.92 -10.42 -18.24
CA ALA A 304 -18.24 -11.23 -19.41
C ALA A 304 -18.29 -10.36 -20.66
N LEU A 305 -18.76 -9.13 -20.50
CA LEU A 305 -18.77 -8.15 -21.59
C LEU A 305 -17.36 -7.68 -21.94
N GLU A 306 -16.51 -7.50 -20.92
CA GLU A 306 -15.10 -7.20 -21.14
C GLU A 306 -14.43 -8.31 -21.96
N TYR A 307 -14.75 -9.55 -21.62
CA TYR A 307 -14.27 -10.72 -22.35
C TYR A 307 -14.73 -10.68 -23.82
N LEU A 308 -16.02 -10.41 -24.02
CA LEU A 308 -16.61 -10.33 -25.36
C LEU A 308 -15.96 -9.24 -26.19
N ALA A 309 -15.76 -8.07 -25.57
CA ALA A 309 -15.13 -6.93 -26.24
C ALA A 309 -13.67 -7.22 -26.60
N ASP A 310 -12.93 -7.83 -25.68
CA ASP A 310 -11.53 -8.21 -25.94
C ASP A 310 -11.41 -9.29 -27.01
N SER A 311 -12.40 -10.19 -27.08
CA SER A 311 -12.43 -11.21 -28.12
C SER A 311 -12.67 -10.59 -29.51
N PHE A 312 -13.46 -9.51 -29.57
CA PHE A 312 -13.67 -8.77 -30.81
C PHE A 312 -12.38 -8.11 -31.31
N ILE A 313 -11.60 -7.56 -30.38
CA ILE A 313 -10.29 -6.94 -30.69
C ILE A 313 -9.32 -8.00 -31.23
N GLU A 314 -9.36 -9.19 -30.64
CA GLU A 314 -8.58 -10.33 -31.11
C GLU A 314 -8.91 -10.68 -32.56
N GLN A 315 -10.19 -10.54 -32.92
CA GLN A 315 -10.67 -10.80 -34.29
C GLN A 315 -10.48 -9.60 -35.22
N ASN A 316 -9.80 -8.56 -34.74
CA ASN A 316 -9.61 -7.30 -35.49
C ASN A 316 -10.92 -6.59 -35.84
N ARG A 317 -11.95 -6.84 -35.02
CA ARG A 317 -13.26 -6.22 -35.19
C ARG A 317 -13.43 -5.06 -34.21
N VAL A 318 -12.73 -3.96 -34.50
CA VAL A 318 -12.63 -2.82 -33.60
C VAL A 318 -13.95 -2.07 -33.36
N ASP A 319 -14.81 -2.04 -34.38
CA ASP A 319 -16.12 -1.39 -34.27
C ASP A 319 -17.05 -2.14 -33.32
N ASP A 320 -17.07 -3.47 -33.43
CA ASP A 320 -17.88 -4.33 -32.56
C ASP A 320 -17.40 -4.26 -31.12
N ALA A 321 -16.08 -4.16 -30.94
CA ALA A 321 -15.47 -4.00 -29.63
C ALA A 321 -15.88 -2.68 -28.99
N ALA A 322 -15.80 -1.60 -29.76
CA ALA A 322 -16.18 -0.26 -29.30
C ALA A 322 -17.64 -0.19 -28.85
N LYS A 323 -18.51 -0.91 -29.56
CA LYS A 323 -19.93 -0.99 -29.22
C LYS A 323 -20.19 -1.61 -27.84
N VAL A 324 -19.40 -2.63 -27.50
CA VAL A 324 -19.52 -3.29 -26.20
C VAL A 324 -19.01 -2.39 -25.07
N PHE A 325 -17.87 -1.73 -25.31
CA PHE A 325 -17.30 -0.80 -24.33
C PHE A 325 -18.24 0.37 -24.05
N GLU A 326 -18.91 0.85 -25.11
CA GLU A 326 -19.89 1.91 -24.99
C GLU A 326 -21.08 1.49 -24.11
N LYS A 327 -21.54 0.26 -24.31
CA LYS A 327 -22.64 -0.30 -23.52
C LYS A 327 -22.25 -0.48 -22.04
N LEU A 328 -21.03 -0.95 -21.81
CA LEU A 328 -20.49 -1.02 -20.46
C LEU A 328 -20.47 0.36 -19.80
N SER A 329 -20.02 1.37 -20.57
CA SER A 329 -19.91 2.74 -20.09
C SER A 329 -21.25 3.39 -19.77
N SER A 330 -22.24 3.17 -20.63
CA SER A 330 -23.51 3.88 -20.54
C SER A 330 -24.63 3.09 -19.85
N GLU A 331 -24.51 1.77 -19.77
CA GLU A 331 -25.62 0.93 -19.29
C GLU A 331 -25.25 -0.12 -18.24
N TYR A 332 -24.21 -0.90 -18.52
CA TYR A 332 -23.97 -2.14 -17.78
C TYR A 332 -22.90 -2.11 -16.68
N ASP A 333 -22.04 -1.10 -16.69
CA ASP A 333 -21.04 -0.89 -15.63
C ASP A 333 -20.73 0.61 -15.52
N GLN A 334 -21.74 1.38 -15.15
CA GLN A 334 -21.68 2.84 -15.22
C GLN A 334 -20.72 3.51 -14.25
N MET A 335 -20.42 2.83 -13.14
CA MET A 335 -19.41 3.32 -12.19
C MET A 335 -18.08 3.60 -12.91
N ARG A 336 -17.72 2.70 -13.84
CA ARG A 336 -16.51 2.85 -14.65
C ARG A 336 -16.80 3.47 -16.03
N ALA A 337 -17.78 4.37 -16.09
CA ALA A 337 -18.18 5.02 -17.34
C ALA A 337 -16.99 5.64 -18.08
N GLY A 338 -16.12 6.32 -17.33
CA GLY A 338 -14.93 6.96 -17.90
C GLY A 338 -13.92 5.98 -18.45
N TYR A 339 -13.64 4.93 -17.69
CA TYR A 339 -12.68 3.90 -18.10
C TYR A 339 -13.11 3.17 -19.37
N TRP A 340 -14.39 2.77 -19.44
CA TRP A 340 -14.91 2.06 -20.59
C TRP A 340 -14.99 2.94 -21.84
N GLU A 341 -15.22 4.24 -21.63
CA GLU A 341 -15.16 5.23 -22.71
C GLU A 341 -13.74 5.34 -23.26
N PHE A 342 -12.75 5.32 -22.37
CA PHE A 342 -11.33 5.28 -22.74
C PHE A 342 -11.01 4.06 -23.60
N ARG A 343 -11.51 2.89 -23.19
CA ARG A 343 -11.34 1.64 -23.94
C ARG A 343 -12.06 1.69 -25.29
N ARG A 344 -13.23 2.34 -25.31
CA ARG A 344 -14.00 2.55 -26.53
C ARG A 344 -13.25 3.44 -27.53
N ARG A 345 -12.69 4.55 -27.03
CA ARG A 345 -11.93 5.49 -27.86
C ARG A 345 -10.63 4.86 -28.39
N GLU A 346 -10.08 3.92 -27.63
CA GLU A 346 -8.86 3.21 -28.00
C GLU A 346 -9.07 2.34 -29.25
N CYS A 347 -10.31 1.89 -29.45
CA CYS A 347 -10.68 1.13 -30.64
C CYS A 347 -10.78 2.02 -31.87
N ALA A 348 -11.38 3.19 -31.71
CA ALA A 348 -11.54 4.15 -32.80
C ALA A 348 -10.23 4.88 -33.08
N ALA B 2 -17.89 17.99 -18.00
CA ALA B 2 -16.84 17.59 -17.00
C ALA B 2 -17.25 16.35 -16.21
N THR B 3 -18.56 16.19 -15.99
CA THR B 3 -19.08 15.08 -15.19
C THR B 3 -19.86 14.04 -16.02
N GLU B 4 -19.73 14.12 -17.34
CA GLU B 4 -20.45 13.25 -18.26
C GLU B 4 -20.19 11.76 -17.99
N PHE B 5 -18.93 11.42 -17.69
CA PHE B 5 -18.54 10.03 -17.47
C PHE B 5 -18.27 9.71 -15.99
N THR B 6 -18.72 10.60 -15.11
CA THR B 6 -18.61 10.36 -13.66
C THR B 6 -19.99 10.49 -13.00
N PRO B 7 -20.86 9.48 -13.18
CA PRO B 7 -22.20 9.56 -12.60
C PRO B 7 -22.20 9.54 -11.08
N SER B 8 -23.05 10.36 -10.48
CA SER B 8 -23.27 10.38 -9.05
C SER B 8 -23.88 9.06 -8.59
N VAL B 9 -23.51 8.63 -7.38
CA VAL B 9 -24.09 7.43 -6.76
C VAL B 9 -25.63 7.54 -6.70
N TYR B 10 -26.12 8.75 -6.40
CA TYR B 10 -27.55 9.01 -6.28
C TYR B 10 -28.31 8.92 -7.61
N SER B 11 -27.59 9.01 -8.72
CA SER B 11 -28.20 8.91 -10.05
C SER B 11 -28.20 7.47 -10.57
N LEU B 12 -27.57 6.56 -9.83
CA LEU B 12 -27.45 5.17 -10.22
C LEU B 12 -28.34 4.25 -9.37
N VAL B 13 -28.60 3.05 -9.88
CA VAL B 13 -29.38 2.05 -9.15
C VAL B 13 -28.46 1.31 -8.19
N SER B 14 -28.84 1.28 -6.91
CA SER B 14 -28.11 0.54 -5.88
C SER B 14 -28.73 -0.82 -5.66
N LYS B 15 -27.99 -1.87 -6.02
CA LYS B 15 -28.42 -3.25 -5.81
C LYS B 15 -27.29 -4.08 -5.22
N PRO B 16 -27.62 -5.04 -4.33
CA PRO B 16 -26.58 -5.86 -3.71
C PRO B 16 -25.79 -6.65 -4.76
N LEU B 17 -24.55 -7.01 -4.43
CA LEU B 17 -23.80 -7.94 -5.27
C LEU B 17 -24.56 -9.24 -5.32
N PRO B 18 -24.88 -9.74 -6.54
CA PRO B 18 -25.66 -10.96 -6.73
C PRO B 18 -24.99 -12.18 -6.10
N SER B 19 -25.80 -13.07 -5.53
CA SER B 19 -25.30 -14.25 -4.83
C SER B 19 -25.00 -15.43 -5.74
N ASN B 20 -25.68 -15.47 -6.89
CA ASN B 20 -25.70 -16.64 -7.78
C ASN B 20 -26.12 -17.93 -7.06
N SER B 21 -26.90 -17.75 -5.99
CA SER B 21 -27.38 -18.86 -5.14
C SER B 21 -26.27 -19.64 -4.43
N ARG B 22 -25.08 -19.06 -4.36
CA ARG B 22 -24.00 -19.65 -3.58
C ARG B 22 -23.56 -18.69 -2.46
N PRO B 23 -24.11 -18.89 -1.25
CA PRO B 23 -23.66 -18.11 -0.10
C PRO B 23 -22.23 -18.49 0.32
N SER B 24 -21.49 -17.51 0.82
CA SER B 24 -20.18 -17.73 1.41
C SER B 24 -19.87 -16.64 2.43
N ALA B 25 -18.81 -16.86 3.21
CA ALA B 25 -18.39 -15.91 4.23
C ALA B 25 -18.10 -14.52 3.65
N THR B 26 -17.46 -14.49 2.48
CA THR B 26 -17.17 -13.25 1.77
C THR B 26 -18.45 -12.45 1.50
N LEU B 27 -19.47 -13.13 0.96
CA LEU B 27 -20.72 -12.47 0.59
C LEU B 27 -21.51 -12.00 1.82
N ASP B 28 -21.47 -12.79 2.90
CA ASP B 28 -22.10 -12.41 4.16
C ASP B 28 -21.56 -11.07 4.69
N GLU B 29 -20.24 -10.91 4.62
CA GLU B 29 -19.59 -9.66 5.02
C GLU B 29 -19.93 -8.53 4.07
N GLN B 30 -19.90 -8.84 2.77
CA GLN B 30 -20.19 -7.87 1.72
C GLN B 30 -21.60 -7.29 1.85
N ALA B 31 -22.60 -8.18 1.99
CA ALA B 31 -24.00 -7.77 2.10
C ALA B 31 -24.23 -6.88 3.33
N GLU B 32 -23.58 -7.23 4.43
CA GLU B 32 -23.62 -6.47 5.68
C GLU B 32 -23.05 -5.05 5.50
N THR B 33 -21.93 -4.96 4.79
CA THR B 33 -21.29 -3.68 4.50
C THR B 33 -22.13 -2.84 3.54
N GLU B 34 -22.66 -3.49 2.50
CA GLU B 34 -23.59 -2.84 1.57
C GLU B 34 -24.75 -2.20 2.33
N ASP B 35 -25.29 -2.91 3.31
CA ASP B 35 -26.38 -2.40 4.14
C ASP B 35 -25.98 -1.16 4.93
N LEU B 36 -24.83 -1.21 5.59
CA LEU B 36 -24.31 -0.08 6.37
C LEU B 36 -24.15 1.19 5.55
N ILE B 37 -23.55 1.06 4.37
CA ILE B 37 -23.24 2.21 3.52
C ILE B 37 -24.48 2.78 2.83
N SER B 38 -25.29 1.90 2.22
CA SER B 38 -26.49 2.32 1.49
C SER B 38 -27.51 3.02 2.39
N GLN B 39 -27.64 2.54 3.62
CA GLN B 39 -28.56 3.13 4.59
C GLN B 39 -28.15 4.55 5.00
N LEU B 40 -26.85 4.79 5.08
CA LEU B 40 -26.32 6.12 5.38
C LEU B 40 -26.52 7.06 4.19
N PHE B 41 -26.31 6.56 2.98
CA PHE B 41 -26.60 7.31 1.76
C PHE B 41 -28.09 7.70 1.67
N ASP B 42 -28.96 6.78 2.08
CA ASP B 42 -30.41 7.03 2.10
C ASP B 42 -30.82 8.12 3.10
N LEU B 43 -30.08 8.21 4.21
CA LEU B 43 -30.34 9.21 5.25
C LEU B 43 -29.72 10.58 4.93
N THR B 44 -28.82 10.61 3.94
CA THR B 44 -28.06 11.80 3.63
C THR B 44 -28.56 12.46 2.34
N ALA B 45 -28.67 13.79 2.38
CA ALA B 45 -29.05 14.56 1.20
C ALA B 45 -27.99 14.44 0.11
N ASP B 46 -28.45 14.27 -1.12
CA ASP B 46 -27.58 14.28 -2.30
C ASP B 46 -26.75 15.57 -2.29
N PRO B 47 -25.40 15.44 -2.25
CA PRO B 47 -24.53 16.63 -2.23
C PRO B 47 -24.67 17.51 -3.47
N ASN B 48 -25.12 16.91 -4.57
CA ASN B 48 -25.25 17.61 -5.85
C ASN B 48 -26.53 18.44 -5.99
N ALA B 49 -27.54 18.11 -5.18
CA ALA B 49 -28.87 18.70 -5.30
C ALA B 49 -28.94 20.19 -4.90
N LEU B 50 -29.77 20.94 -5.63
CA LEU B 50 -30.05 22.34 -5.30
C LEU B 50 -30.99 22.43 -4.10
N VAL B 51 -32.13 21.74 -4.21
CA VAL B 51 -33.07 21.63 -3.10
C VAL B 51 -32.60 20.51 -2.16
N SER B 52 -31.66 20.87 -1.27
CA SER B 52 -31.17 19.95 -0.25
C SER B 52 -32.35 19.59 0.66
N GLU B 53 -32.87 18.38 0.45
CA GLU B 53 -34.18 17.99 0.98
C GLU B 53 -34.27 18.03 2.51
N HIS B 54 -35.50 18.32 2.98
CA HIS B 54 -35.78 18.58 4.40
C HIS B 54 -35.71 17.31 5.24
N GLY B 55 -35.03 17.40 6.38
CA GLY B 55 -34.92 16.30 7.32
C GLY B 55 -33.71 15.41 7.12
N LYS B 56 -33.08 15.51 5.94
CA LYS B 56 -31.93 14.67 5.62
C LYS B 56 -30.62 15.30 6.07
N ARG B 57 -29.66 14.45 6.39
CA ARG B 57 -28.35 14.89 6.88
C ARG B 57 -27.57 15.62 5.79
N TYR B 58 -26.91 16.71 6.17
CA TYR B 58 -26.09 17.47 5.24
C TYR B 58 -24.69 16.89 5.14
N SER B 59 -24.20 16.72 3.91
CA SER B 59 -22.95 15.99 3.66
C SER B 59 -21.71 16.87 3.54
N GLY B 60 -21.87 18.18 3.75
CA GLY B 60 -20.75 19.12 3.63
C GLY B 60 -19.54 18.70 4.44
N LEU B 61 -18.35 18.95 3.90
CA LEU B 61 -17.12 18.60 4.61
C LEU B 61 -17.02 19.43 5.89
N ARG B 62 -17.02 18.74 7.01
CA ARG B 62 -17.02 19.39 8.32
C ARG B 62 -15.59 19.67 8.76
N LYS B 63 -14.96 20.61 8.08
CA LYS B 63 -13.54 20.92 8.22
C LYS B 63 -13.13 21.26 9.66
N GLN B 64 -13.99 22.01 10.35
CA GLN B 64 -13.70 22.43 11.72
C GLN B 64 -13.77 21.28 12.71
N GLU B 65 -14.71 20.36 12.51
CA GLU B 65 -14.79 19.13 13.31
C GLU B 65 -13.53 18.26 13.12
N HIS B 66 -13.06 18.17 11.88
CA HIS B 66 -11.85 17.40 11.58
C HIS B 66 -10.60 18.07 12.12
N THR B 67 -10.58 19.40 12.12
CA THR B 67 -9.49 20.17 12.71
C THR B 67 -9.41 19.92 14.22
N GLN B 68 -10.56 19.95 14.90
CA GLN B 68 -10.64 19.69 16.34
C GLN B 68 -10.23 18.26 16.68
N PHE B 69 -10.67 17.29 15.86
CA PHE B 69 -10.26 15.90 16.02
C PHE B 69 -8.74 15.75 16.04
N LEU B 70 -8.08 16.37 15.06
CA LEU B 70 -6.63 16.31 14.94
C LEU B 70 -5.92 17.06 16.07
N ALA B 71 -6.49 18.20 16.48
CA ALA B 71 -5.92 19.02 17.54
C ALA B 71 -5.95 18.31 18.90
N SER B 72 -7.04 17.59 19.16
CA SER B 72 -7.29 16.96 20.45
C SER B 72 -6.38 15.76 20.76
N SER B 73 -5.65 15.30 19.75
CA SER B 73 -4.73 14.17 19.91
C SER B 73 -3.30 14.54 19.52
N PHE B 74 -3.10 15.79 19.09
CA PHE B 74 -1.81 16.25 18.60
C PHE B 74 -0.83 16.58 19.72
N PHE B 75 -1.36 16.98 20.88
CA PHE B 75 -0.54 17.41 22.01
C PHE B 75 -0.52 16.41 23.18
N GLN B 76 -1.42 15.43 23.15
CA GLN B 76 -1.44 14.37 24.16
C GLN B 76 -2.26 13.17 23.69
N LEU B 77 -1.68 11.99 23.84
CA LEU B 77 -2.36 10.74 23.50
C LEU B 77 -2.42 9.84 24.74
N PRO B 78 -3.57 9.17 24.96
CA PRO B 78 -3.74 8.28 26.12
C PRO B 78 -2.86 7.03 26.03
N GLY B 79 -2.73 6.32 27.15
CA GLY B 79 -1.87 5.15 27.27
C GLY B 79 -2.09 4.04 26.25
N LYS B 80 -3.33 3.92 25.76
CA LYS B 80 -3.67 2.90 24.76
C LYS B 80 -2.97 3.07 23.41
N PHE B 81 -2.56 4.30 23.10
CA PHE B 81 -1.88 4.60 21.84
C PHE B 81 -0.44 4.08 21.80
N VAL B 82 -0.03 3.38 22.86
CA VAL B 82 1.25 2.70 22.92
C VAL B 82 1.43 1.71 21.75
N SER B 83 0.31 1.24 21.20
CA SER B 83 0.31 0.38 20.01
C SER B 83 0.94 1.07 18.81
N LEU B 84 0.98 2.41 18.84
CA LEU B 84 1.59 3.20 17.77
C LEU B 84 2.86 3.94 18.22
N ASP B 85 3.46 3.48 19.31
CA ASP B 85 4.69 4.09 19.83
C ASP B 85 5.85 4.03 18.82
N ALA B 86 5.88 2.97 18.01
CA ALA B 86 6.88 2.82 16.95
C ALA B 86 6.46 3.52 15.65
N SER B 87 5.35 4.25 15.70
CA SER B 87 4.80 4.94 14.53
C SER B 87 4.48 6.42 14.78
N ARG B 88 5.13 7.03 15.77
CA ARG B 88 4.87 8.43 16.11
C ARG B 88 5.12 9.46 14.98
N PRO B 89 6.14 9.21 14.11
CA PRO B 89 6.31 10.09 12.95
C PRO B 89 5.12 10.03 11.97
N TRP B 90 4.41 8.90 11.94
CA TRP B 90 3.19 8.79 11.14
C TRP B 90 2.05 9.59 11.74
N LEU B 91 1.94 9.58 13.06
CA LEU B 91 0.98 10.42 13.77
C LEU B 91 1.24 11.90 13.48
N VAL B 92 2.52 12.26 13.38
CA VAL B 92 2.90 13.62 12.99
C VAL B 92 2.47 13.88 11.55
N PHE B 93 2.89 13.01 10.62
CA PHE B 93 2.58 13.18 9.20
C PHE B 93 1.07 13.22 8.94
N TRP B 94 0.33 12.27 9.50
CA TRP B 94 -1.11 12.22 9.30
C TRP B 94 -1.79 13.53 9.73
N THR B 95 -1.32 14.12 10.82
CA THR B 95 -1.86 15.39 11.32
C THR B 95 -1.46 16.58 10.43
N VAL B 96 -0.17 16.79 10.24
CA VAL B 96 0.30 17.99 9.54
C VAL B 96 -0.10 18.01 8.05
N HIS B 97 -0.14 16.85 7.42
CA HIS B 97 -0.60 16.77 6.04
C HIS B 97 -2.11 17.01 5.93
N SER B 98 -2.87 16.45 6.87
CA SER B 98 -4.33 16.68 6.90
C SER B 98 -4.66 18.16 7.07
N LEU B 99 -3.95 18.83 7.98
CA LEU B 99 -4.16 20.26 8.22
C LEU B 99 -3.81 21.08 6.99
N ASP B 100 -2.71 20.71 6.32
CA ASP B 100 -2.35 21.30 5.03
C ASP B 100 -3.49 21.16 4.02
N LEU B 101 -4.03 19.95 3.90
CA LEU B 101 -5.16 19.70 2.98
C LEU B 101 -6.40 20.51 3.39
N LEU B 102 -6.66 20.58 4.69
CA LEU B 102 -7.81 21.31 5.22
C LEU B 102 -7.63 22.84 5.21
N GLY B 103 -6.43 23.28 4.86
CA GLY B 103 -6.12 24.71 4.79
C GLY B 103 -5.97 25.40 6.13
N VAL B 104 -5.57 24.63 7.15
CA VAL B 104 -5.39 25.16 8.49
C VAL B 104 -3.89 25.32 8.77
N ALA B 105 -3.49 26.54 9.10
CA ALA B 105 -2.09 26.84 9.32
C ALA B 105 -1.71 26.60 10.78
N LEU B 106 -0.51 26.06 10.98
CA LEU B 106 0.09 25.99 12.31
C LEU B 106 0.92 27.24 12.52
N ASP B 107 0.91 27.78 13.75
CA ASP B 107 1.78 28.91 14.07
C ASP B 107 3.24 28.43 14.17
N GLN B 108 4.18 29.38 14.11
CA GLN B 108 5.60 29.05 14.07
C GLN B 108 6.05 28.26 15.30
N GLY B 109 5.53 28.63 16.47
CA GLY B 109 5.82 27.93 17.72
C GLY B 109 5.49 26.45 17.68
N THR B 110 4.32 26.12 17.13
CA THR B 110 3.88 24.74 16.98
C THR B 110 4.72 24.01 15.92
N LYS B 111 5.02 24.70 14.83
CA LYS B 111 5.89 24.17 13.78
C LYS B 111 7.28 23.83 14.32
N ASP B 112 7.80 24.69 15.19
CA ASP B 112 9.11 24.49 15.81
C ASP B 112 9.14 23.26 16.71
N ARG B 113 8.02 23.00 17.39
CA ARG B 113 7.85 21.79 18.19
C ARG B 113 7.86 20.54 17.31
N VAL B 114 7.17 20.61 16.18
CA VAL B 114 7.15 19.51 15.20
C VAL B 114 8.56 19.19 14.72
N VAL B 115 9.31 20.22 14.35
CA VAL B 115 10.70 20.08 13.90
C VAL B 115 11.56 19.44 14.99
N SER B 116 11.50 19.99 16.20
CA SER B 116 12.27 19.48 17.34
C SER B 116 11.96 18.01 17.63
N THR B 117 10.69 17.65 17.64
CA THR B 117 10.24 16.28 17.91
C THR B 117 10.87 15.30 16.92
N LEU B 118 10.80 15.65 15.64
CA LEU B 118 11.29 14.80 14.56
C LEU B 118 12.81 14.69 14.52
N LEU B 119 13.50 15.80 14.80
CA LEU B 119 14.97 15.81 14.78
C LEU B 119 15.57 14.92 15.86
N HIS B 120 14.83 14.74 16.96
CA HIS B 120 15.24 13.83 18.02
C HIS B 120 15.08 12.35 17.62
N PHE B 121 14.31 12.11 16.56
CA PHE B 121 14.15 10.78 15.99
C PHE B 121 15.28 10.40 15.03
N LEU B 122 16.12 11.39 14.69
CA LEU B 122 17.21 11.19 13.73
C LEU B 122 18.47 10.64 14.40
N SER B 123 18.90 9.46 13.96
CA SER B 123 20.16 8.87 14.42
C SER B 123 21.34 9.41 13.62
N PRO B 124 22.45 9.74 14.31
CA PRO B 124 23.70 10.15 13.65
C PRO B 124 24.21 9.13 12.61
N LYS B 125 23.91 7.85 12.82
CA LYS B 125 24.29 6.80 11.88
C LYS B 125 23.46 6.83 10.59
N GLY B 126 22.32 7.52 10.63
CA GLY B 126 21.51 7.74 9.45
C GLY B 126 20.09 7.21 9.56
N GLY B 127 19.13 8.06 9.21
CA GLY B 127 17.72 7.67 9.18
C GLY B 127 16.95 8.03 10.43
N PHE B 128 15.62 8.10 10.29
CA PHE B 128 14.71 8.35 11.40
C PHE B 128 14.09 7.05 11.90
N GLY B 129 13.87 6.96 13.20
CA GLY B 129 13.12 5.85 13.80
C GLY B 129 11.73 6.28 14.22
N GLY B 130 10.98 5.35 14.79
CA GLY B 130 9.60 5.62 15.24
C GLY B 130 9.52 6.37 16.55
N GLY B 131 10.70 6.67 17.11
CA GLY B 131 10.82 7.43 18.34
C GLY B 131 12.22 8.02 18.44
N PRO B 132 12.58 8.60 19.61
CA PRO B 132 13.92 9.15 19.80
C PRO B 132 15.03 8.17 19.46
N ALA B 133 16.16 8.70 19.01
CA ALA B 133 17.33 7.90 18.60
C ALA B 133 17.89 7.02 19.74
N ASN B 134 17.67 7.43 20.99
CA ASN B 134 18.13 6.64 22.13
C ASN B 134 17.12 5.56 22.55
N SER B 135 16.04 5.44 21.77
CA SER B 135 14.93 4.53 22.09
C SER B 135 14.60 3.56 20.97
N GLN B 136 14.76 4.00 19.72
CA GLN B 136 14.39 3.20 18.56
C GLN B 136 15.43 3.32 17.44
N ILE B 137 15.63 2.23 16.71
CA ILE B 137 16.58 2.20 15.59
C ILE B 137 15.94 2.79 14.32
N PRO B 138 16.77 3.25 13.36
CA PRO B 138 16.22 3.83 12.12
C PRO B 138 15.40 2.83 11.30
N HIS B 139 14.45 3.36 10.53
CA HIS B 139 13.49 2.54 9.79
C HIS B 139 13.06 3.35 8.57
N LEU B 140 12.96 2.68 7.42
CA LEU B 140 12.62 3.35 6.16
C LEU B 140 11.29 4.12 6.18
N LEU B 141 10.30 3.59 6.89
CA LEU B 141 8.96 4.17 6.90
C LEU B 141 8.83 5.48 7.70
N PRO B 142 9.31 5.50 8.97
CA PRO B 142 9.36 6.79 9.66
C PRO B 142 10.33 7.79 9.02
N THR B 143 11.30 7.30 8.26
CA THR B 143 12.18 8.19 7.51
C THR B 143 11.38 8.97 6.46
N TYR B 144 10.51 8.29 5.72
CA TYR B 144 9.58 8.96 4.80
C TYR B 144 8.65 9.90 5.55
N ALA B 145 8.03 9.41 6.62
CA ALA B 145 7.06 10.19 7.37
C ALA B 145 7.68 11.45 7.98
N SER B 146 8.87 11.30 8.56
CA SER B 146 9.59 12.42 9.16
C SER B 146 10.05 13.46 8.12
N VAL B 147 10.59 12.97 7.01
CA VAL B 147 11.08 13.84 5.93
C VAL B 147 9.93 14.65 5.32
N CYS B 148 8.81 13.99 5.03
CA CYS B 148 7.63 14.67 4.52
C CYS B 148 7.08 15.68 5.53
N SER B 149 7.07 15.31 6.81
CA SER B 149 6.59 16.20 7.87
C SER B 149 7.47 17.44 8.00
N LEU B 150 8.76 17.27 7.78
CA LEU B 150 9.71 18.39 7.78
C LEU B 150 9.51 19.30 6.57
N ALA B 151 9.11 18.71 5.44
CA ALA B 151 8.70 19.48 4.26
C ALA B 151 7.47 20.35 4.57
N ILE B 152 6.56 19.80 5.37
CA ILE B 152 5.30 20.46 5.70
C ILE B 152 5.47 21.55 6.77
N ALA B 153 6.20 21.23 7.84
CA ALA B 153 6.28 22.10 9.01
C ALA B 153 7.61 22.86 9.17
N GLY B 154 8.61 22.48 8.37
CA GLY B 154 9.95 23.07 8.51
C GLY B 154 10.24 24.24 7.59
N ASN B 155 11.48 24.72 7.64
CA ASN B 155 11.93 25.87 6.85
C ASN B 155 13.45 25.91 6.74
N ASP B 156 13.97 26.89 6.00
CA ASP B 156 15.41 27.00 5.71
C ASP B 156 16.25 27.73 6.76
N SER B 157 15.65 28.08 7.90
CA SER B 157 16.40 28.76 8.97
C SER B 157 17.13 27.75 9.86
N SER B 158 17.92 28.26 10.81
CA SER B 158 18.73 27.41 11.69
C SER B 158 17.90 26.50 12.59
N THR B 159 16.65 26.88 12.85
CA THR B 159 15.75 26.08 13.69
C THR B 159 14.68 25.36 12.86
N GLY B 160 14.83 25.41 11.54
CA GLY B 160 13.82 24.88 10.61
C GLY B 160 13.95 23.41 10.22
N GLY B 161 15.05 22.78 10.60
CA GLY B 161 15.23 21.33 10.38
C GLY B 161 15.78 20.90 9.02
N TRP B 162 15.55 21.72 7.99
CA TRP B 162 16.04 21.43 6.63
C TRP B 162 17.57 21.39 6.59
N LYS B 163 18.19 22.28 7.36
CA LYS B 163 19.64 22.33 7.55
C LYS B 163 20.15 21.00 8.08
N ASP B 164 19.43 20.44 9.06
CA ASP B 164 19.80 19.18 9.68
C ASP B 164 19.72 18.01 8.70
N LEU B 165 18.71 18.02 7.83
CA LEU B 165 18.56 17.01 6.79
C LEU B 165 19.70 17.05 5.78
N ALA B 166 20.09 18.26 5.37
CA ALA B 166 21.20 18.45 4.44
C ALA B 166 22.49 17.87 4.99
N ALA B 167 22.77 18.15 6.27
CA ALA B 167 23.96 17.61 6.94
C ALA B 167 23.91 16.08 7.09
N ALA B 168 22.69 15.53 7.18
CA ALA B 168 22.49 14.10 7.38
C ALA B 168 22.44 13.28 6.09
N ARG B 169 22.65 13.94 4.94
CA ARG B 169 22.52 13.28 3.63
C ARG B 169 23.41 12.05 3.44
N GLN B 170 24.68 12.15 3.84
CA GLN B 170 25.62 11.02 3.71
C GLN B 170 25.22 9.85 4.62
N SER B 171 24.88 10.15 5.87
CA SER B 171 24.49 9.12 6.82
C SER B 171 23.18 8.42 6.43
N ILE B 172 22.21 9.20 5.95
CA ILE B 172 20.93 8.65 5.47
C ILE B 172 21.18 7.73 4.27
N TYR B 173 22.00 8.19 3.33
CA TYR B 173 22.41 7.37 2.18
C TYR B 173 23.05 6.05 2.61
N GLU B 174 23.96 6.12 3.60
CA GLU B 174 24.62 4.93 4.13
C GLU B 174 23.63 3.97 4.80
N PHE B 175 22.64 4.52 5.50
CA PHE B 175 21.55 3.73 6.08
C PHE B 175 20.78 3.01 4.97
N PHE B 176 20.45 3.74 3.91
CA PHE B 176 19.76 3.18 2.75
C PHE B 176 20.55 2.03 2.13
N MET B 177 21.87 2.21 2.00
CA MET B 177 22.74 1.17 1.44
C MET B 177 22.89 -0.05 2.35
N ARG B 178 22.83 0.16 3.66
CA ARG B 178 22.83 -0.94 4.63
C ARG B 178 21.55 -1.77 4.54
N CYS B 179 20.46 -1.11 4.12
CA CYS B 179 19.18 -1.78 3.94
C CYS B 179 19.10 -2.58 2.65
N LYS B 180 19.99 -2.27 1.70
CA LYS B 180 19.92 -2.84 0.36
C LYS B 180 20.24 -4.34 0.31
N ARG B 181 19.42 -5.09 -0.42
CA ARG B 181 19.69 -6.49 -0.71
C ARG B 181 20.03 -6.66 -2.20
N PRO B 182 20.85 -7.67 -2.56
CA PRO B 182 21.32 -7.87 -3.93
C PRO B 182 20.20 -8.05 -4.97
N ASP B 183 19.05 -8.59 -4.54
CA ASP B 183 17.95 -8.85 -5.46
C ASP B 183 17.13 -7.60 -5.83
N GLY B 184 17.43 -6.48 -5.16
CA GLY B 184 16.73 -5.23 -5.43
C GLY B 184 15.75 -4.83 -4.34
N GLY B 185 15.55 -5.71 -3.36
CA GLY B 185 14.71 -5.41 -2.21
C GLY B 185 15.48 -4.64 -1.15
N PHE B 186 14.74 -4.02 -0.23
CA PHE B 186 15.33 -3.36 0.92
C PHE B 186 14.69 -3.91 2.19
N VAL B 187 15.49 -4.12 3.24
CA VAL B 187 14.92 -4.34 4.56
C VAL B 187 14.43 -2.98 5.07
N VAL B 188 13.29 -2.97 5.76
CA VAL B 188 12.74 -1.71 6.30
C VAL B 188 13.61 -1.15 7.43
N CYS B 189 14.32 -2.06 8.11
CA CYS B 189 15.25 -1.71 9.18
C CYS B 189 16.18 -2.90 9.37
N GLU B 190 17.20 -2.74 10.22
CA GLU B 190 18.12 -3.83 10.50
C GLU B 190 17.35 -5.05 10.98
N GLY B 191 17.56 -6.17 10.29
CA GLY B 191 16.86 -7.42 10.58
C GLY B 191 15.36 -7.40 10.31
N GLY B 192 14.89 -6.39 9.57
CA GLY B 192 13.46 -6.19 9.31
C GLY B 192 12.95 -6.79 8.01
N GLU B 193 11.64 -6.69 7.80
CA GLU B 193 10.99 -7.30 6.64
C GLU B 193 11.29 -6.58 5.32
N VAL B 194 11.12 -7.30 4.22
CA VAL B 194 11.39 -6.80 2.88
C VAL B 194 10.10 -6.71 2.06
N ASP B 195 9.70 -5.48 1.73
CA ASP B 195 8.55 -5.26 0.87
C ASP B 195 8.60 -3.90 0.17
N VAL B 196 7.63 -3.64 -0.70
CA VAL B 196 7.64 -2.45 -1.53
C VAL B 196 7.35 -1.13 -0.77
N ARG B 197 6.79 -1.23 0.44
CA ARG B 197 6.66 -0.05 1.31
C ARG B 197 8.04 0.56 1.58
N GLY B 198 9.02 -0.31 1.86
CA GLY B 198 10.40 0.12 2.08
C GLY B 198 10.97 0.80 0.86
N THR B 199 10.80 0.16 -0.29
CA THR B 199 11.27 0.69 -1.57
C THR B 199 10.68 2.08 -1.85
N TYR B 200 9.36 2.21 -1.69
CA TYR B 200 8.68 3.49 -1.92
C TYR B 200 9.20 4.60 -1.00
N CYS B 201 9.24 4.33 0.30
CA CYS B 201 9.68 5.31 1.28
C CYS B 201 11.11 5.77 1.05
N LEU B 202 11.98 4.83 0.69
CA LEU B 202 13.37 5.11 0.39
C LEU B 202 13.52 5.97 -0.86
N LEU B 203 12.82 5.60 -1.94
CA LEU B 203 12.93 6.30 -3.21
C LEU B 203 12.40 7.74 -3.15
N VAL B 204 11.34 7.97 -2.38
CA VAL B 204 10.84 9.32 -2.14
C VAL B 204 11.93 10.17 -1.48
N VAL B 205 12.46 9.69 -0.36
CA VAL B 205 13.48 10.42 0.39
C VAL B 205 14.75 10.64 -0.43
N ALA B 206 15.20 9.62 -1.15
CA ALA B 206 16.43 9.71 -1.96
C ALA B 206 16.27 10.74 -3.10
N THR B 207 15.08 10.78 -3.67
CA THR B 207 14.73 11.76 -4.70
C THR B 207 14.74 13.18 -4.15
N LEU B 208 14.11 13.37 -3.00
CA LEU B 208 13.98 14.69 -2.38
C LEU B 208 15.31 15.28 -1.89
N LEU B 209 16.19 14.42 -1.38
CA LEU B 209 17.44 14.90 -0.76
C LEU B 209 18.66 14.85 -1.69
N ASP B 210 18.45 14.47 -2.95
CA ASP B 210 19.54 14.37 -3.94
C ASP B 210 20.63 13.37 -3.50
N ILE B 211 20.21 12.14 -3.22
CA ILE B 211 21.15 11.09 -2.80
C ILE B 211 21.01 9.80 -3.62
N ILE B 212 20.56 9.94 -4.86
CA ILE B 212 20.40 8.80 -5.77
C ILE B 212 21.71 8.47 -6.50
N THR B 213 22.10 7.19 -6.47
CA THR B 213 23.28 6.68 -7.18
C THR B 213 22.92 5.39 -7.92
N PRO B 214 23.76 4.97 -8.89
CA PRO B 214 23.53 3.70 -9.57
C PRO B 214 23.53 2.47 -8.64
N GLU B 215 24.42 2.47 -7.64
CA GLU B 215 24.52 1.33 -6.71
C GLU B 215 23.28 1.19 -5.81
N LEU B 216 22.64 2.31 -5.49
CA LEU B 216 21.42 2.32 -4.70
C LEU B 216 20.25 1.68 -5.45
N LEU B 217 20.23 1.88 -6.77
CA LEU B 217 19.09 1.49 -7.61
C LEU B 217 19.20 0.15 -8.32
N HIS B 218 20.38 -0.48 -8.27
CA HIS B 218 20.59 -1.74 -8.99
C HIS B 218 19.61 -2.82 -8.56
N ASN B 219 18.91 -3.40 -9.54
CA ASN B 219 17.89 -4.43 -9.35
C ASN B 219 16.59 -3.96 -8.68
N VAL B 220 16.56 -2.72 -8.21
CA VAL B 220 15.36 -2.17 -7.55
C VAL B 220 14.15 -2.20 -8.50
N ASP B 221 14.39 -1.86 -9.76
CA ASP B 221 13.35 -1.92 -10.80
C ASP B 221 12.83 -3.34 -11.03
N LYS B 222 13.73 -4.32 -11.02
CA LYS B 222 13.37 -5.73 -11.22
C LYS B 222 12.55 -6.30 -10.08
N PHE B 223 12.91 -5.94 -8.85
CA PHE B 223 12.16 -6.35 -7.66
C PHE B 223 10.71 -5.89 -7.72
N VAL B 224 10.52 -4.60 -7.99
CA VAL B 224 9.20 -3.98 -8.07
C VAL B 224 8.36 -4.55 -9.23
N SER B 225 8.98 -4.65 -10.41
CA SER B 225 8.30 -5.15 -11.58
C SER B 225 7.73 -6.56 -11.37
N ALA B 226 8.48 -7.39 -10.65
CA ALA B 226 8.07 -8.77 -10.37
C ALA B 226 7.02 -8.90 -9.26
N CYS B 227 6.67 -7.78 -8.63
CA CYS B 227 5.58 -7.77 -7.65
C CYS B 227 4.20 -7.75 -8.31
N GLN B 228 4.15 -7.43 -9.61
CA GLN B 228 2.87 -7.38 -10.32
C GLN B 228 2.28 -8.77 -10.48
N THR B 229 1.01 -8.90 -10.09
CA THR B 229 0.32 -10.18 -10.13
C THR B 229 -0.52 -10.31 -11.41
N TYR B 230 -1.11 -11.49 -11.60
CA TYR B 230 -1.97 -11.76 -12.75
C TYR B 230 -3.22 -10.86 -12.77
N GLU B 231 -3.56 -10.30 -11.61
CA GLU B 231 -4.70 -9.40 -11.47
C GLU B 231 -4.41 -7.99 -11.98
N GLY B 232 -3.14 -7.63 -12.05
CA GLY B 232 -2.74 -6.32 -12.57
C GLY B 232 -2.14 -5.40 -11.52
N GLY B 233 -2.58 -5.55 -10.28
CA GLY B 233 -1.99 -4.80 -9.16
C GLY B 233 -0.69 -5.43 -8.70
N PHE B 234 -0.17 -4.96 -7.58
CA PHE B 234 1.14 -5.40 -7.08
C PHE B 234 1.04 -5.98 -5.67
N ALA B 235 1.80 -7.03 -5.44
CA ALA B 235 1.92 -7.67 -4.13
C ALA B 235 3.00 -6.97 -3.29
N CYS B 236 3.14 -7.42 -2.04
CA CYS B 236 4.14 -6.89 -1.12
C CYS B 236 5.58 -7.05 -1.58
N ALA B 237 5.88 -8.20 -2.17
CA ALA B 237 7.26 -8.56 -2.50
C ALA B 237 7.33 -9.60 -3.60
N SER B 238 8.53 -9.77 -4.16
CA SER B 238 8.81 -10.85 -5.09
C SER B 238 9.95 -11.70 -4.56
N PHE B 239 9.89 -12.99 -4.85
CA PHE B 239 10.92 -13.94 -4.40
C PHE B 239 11.90 -14.24 -5.54
N PRO B 240 13.21 -14.06 -5.29
CA PRO B 240 14.21 -14.38 -6.30
C PRO B 240 14.64 -15.85 -6.23
N PHE B 241 14.29 -16.62 -7.25
CA PHE B 241 14.68 -18.03 -7.32
C PHE B 241 16.07 -18.17 -7.92
N PRO B 242 16.92 -18.93 -7.23
CA PRO B 242 18.30 -19.16 -7.65
C PRO B 242 18.37 -20.22 -8.73
N GLU B 255 21.20 -12.41 -11.85
CA GLU B 255 21.62 -13.60 -11.13
C GLU B 255 20.47 -14.60 -10.86
N PRO B 256 19.29 -14.11 -10.41
CA PRO B 256 18.18 -15.05 -10.21
C PRO B 256 17.61 -15.57 -11.53
N SER B 257 17.18 -16.84 -11.52
CA SER B 257 16.59 -17.46 -12.70
C SER B 257 15.20 -16.90 -13.02
N CYS B 258 14.40 -16.65 -11.97
CA CYS B 258 13.11 -16.00 -12.11
C CYS B 258 12.63 -15.38 -10.79
N ARG B 259 11.77 -14.37 -10.90
CA ARG B 259 11.18 -13.71 -9.74
C ARG B 259 9.67 -13.91 -9.73
N VAL B 260 9.13 -14.22 -8.55
CA VAL B 260 7.72 -14.57 -8.40
C VAL B 260 7.05 -13.72 -7.32
N SER B 261 5.90 -13.14 -7.63
CA SER B 261 5.11 -12.36 -6.65
C SER B 261 4.66 -13.24 -5.48
N MET B 262 4.67 -12.67 -4.27
CA MET B 262 4.53 -13.47 -3.05
CA MET B 262 4.53 -13.45 -3.03
C MET B 262 3.15 -13.37 -2.36
N ALA B 263 2.22 -12.66 -2.97
CA ALA B 263 0.86 -12.53 -2.43
C ALA B 263 -0.07 -11.79 -3.39
N GLU B 264 -1.26 -11.43 -2.90
CA GLU B 264 -2.28 -10.74 -3.70
C GLU B 264 -1.89 -9.32 -4.06
N ALA B 265 -2.39 -8.87 -5.20
CA ALA B 265 -2.42 -7.45 -5.51
C ALA B 265 -3.21 -6.73 -4.42
N HIS B 266 -2.59 -5.73 -3.82
CA HIS B 266 -3.24 -4.92 -2.80
C HIS B 266 -3.06 -3.44 -3.12
N GLY B 267 -4.07 -2.64 -2.80
CA GLY B 267 -4.03 -1.18 -2.99
C GLY B 267 -2.80 -0.51 -2.40
N GLY B 268 -2.45 -0.89 -1.17
CA GLY B 268 -1.28 -0.34 -0.51
C GLY B 268 0.02 -0.61 -1.25
N TYR B 269 0.22 -1.87 -1.63
CA TYR B 269 1.42 -2.28 -2.34
C TYR B 269 1.43 -1.87 -3.81
N THR B 270 0.24 -1.75 -4.40
CA THR B 270 0.09 -1.22 -5.76
C THR B 270 0.45 0.26 -5.80
N SER B 271 -0.03 1.02 -4.81
CA SER B 271 0.36 2.42 -4.65
C SER B 271 1.87 2.56 -4.56
N CYS B 272 2.48 1.81 -3.64
CA CYS B 272 3.92 1.86 -3.43
C CYS B 272 4.72 1.45 -4.68
N SER B 273 4.21 0.45 -5.40
CA SER B 273 4.89 -0.05 -6.59
C SER B 273 4.81 0.92 -7.76
N LEU B 274 3.60 1.40 -8.06
CA LEU B 274 3.40 2.39 -9.12
C LEU B 274 4.24 3.64 -8.88
N ASN B 275 4.21 4.14 -7.65
CA ASN B 275 4.98 5.30 -7.24
C ASN B 275 6.49 5.08 -7.33
N SER B 276 6.94 3.92 -6.86
CA SER B 276 8.35 3.53 -6.95
C SER B 276 8.79 3.48 -8.41
N HIS B 277 8.03 2.77 -9.24
CA HIS B 277 8.33 2.68 -10.67
C HIS B 277 8.39 4.06 -11.32
N PHE B 278 7.42 4.92 -11.00
CA PHE B 278 7.39 6.27 -11.56
C PHE B 278 8.64 7.08 -11.20
N LEU B 279 9.06 7.01 -9.94
CA LEU B 279 10.28 7.68 -9.50
C LEU B 279 11.52 7.17 -10.25
N LEU B 280 11.53 5.88 -10.53
CA LEU B 280 12.64 5.24 -11.26
C LEU B 280 12.74 5.65 -12.73
N THR B 281 11.60 5.99 -13.33
CA THR B 281 11.56 6.38 -14.76
C THR B 281 12.31 7.68 -15.05
N SER B 282 12.50 8.52 -14.03
CA SER B 282 13.23 9.78 -14.23
C SER B 282 14.75 9.65 -13.98
N VAL B 283 15.21 8.44 -13.68
CA VAL B 283 16.64 8.20 -13.51
C VAL B 283 17.19 7.64 -14.82
N PRO B 284 18.08 8.40 -15.48
CA PRO B 284 18.58 8.03 -16.80
C PRO B 284 19.70 6.99 -16.79
N LEU B 285 19.40 5.79 -16.30
CA LEU B 285 20.31 4.65 -16.41
C LEU B 285 19.89 3.81 -17.63
N PRO B 286 20.86 3.15 -18.29
CA PRO B 286 20.55 2.37 -19.51
C PRO B 286 19.66 1.16 -19.24
N SER B 287 18.70 0.92 -20.13
CA SER B 287 17.70 -0.16 -20.01
C SER B 287 17.09 -0.22 -18.61
N PHE B 288 16.70 0.95 -18.11
CA PHE B 288 16.23 1.13 -16.75
C PHE B 288 15.13 2.20 -16.77
N PRO B 289 14.02 1.97 -16.05
CA PRO B 289 13.71 0.78 -15.26
C PRO B 289 13.01 -0.30 -16.09
N LEU B 290 13.16 -1.56 -15.68
CA LEU B 290 12.42 -2.67 -16.29
C LEU B 290 10.93 -2.32 -16.27
N SER B 291 10.28 -2.52 -17.41
CA SER B 291 8.89 -2.11 -17.59
C SER B 291 7.93 -2.87 -16.68
N ILE B 292 6.79 -2.24 -16.41
CA ILE B 292 5.65 -2.91 -15.81
C ILE B 292 4.52 -2.93 -16.84
N ASP B 293 3.47 -3.69 -16.56
CA ASP B 293 2.28 -3.70 -17.40
C ASP B 293 1.34 -2.59 -16.90
N ALA B 294 1.45 -1.41 -17.51
CA ALA B 294 0.70 -0.24 -17.08
C ALA B 294 -0.81 -0.38 -17.27
N ASN B 295 -1.23 -0.95 -18.40
CA ASN B 295 -2.64 -1.18 -18.70
C ASN B 295 -3.30 -2.14 -17.72
N ALA B 296 -2.59 -3.20 -17.33
CA ALA B 296 -3.07 -4.13 -16.32
C ALA B 296 -3.20 -3.44 -14.96
N ALA B 297 -2.24 -2.57 -14.65
CA ALA B 297 -2.27 -1.80 -13.40
C ALA B 297 -3.42 -0.81 -13.37
N LEU B 298 -3.69 -0.19 -14.53
CA LEU B 298 -4.83 0.72 -14.66
C LEU B 298 -6.15 -0.04 -14.49
N ARG B 299 -6.26 -1.18 -15.21
CA ARG B 299 -7.44 -2.03 -15.12
C ARG B 299 -7.73 -2.44 -13.68
N TRP B 300 -6.72 -2.94 -12.99
CA TRP B 300 -6.89 -3.36 -11.59
C TRP B 300 -7.37 -2.19 -10.71
N THR B 301 -6.77 -1.03 -10.90
CA THR B 301 -7.12 0.19 -10.16
C THR B 301 -8.61 0.54 -10.27
N VAL B 302 -9.10 0.66 -11.51
CA VAL B 302 -10.48 1.07 -11.73
C VAL B 302 -11.50 0.02 -11.27
N LEU B 303 -11.10 -1.25 -11.34
CA LEU B 303 -11.95 -2.36 -10.92
C LEU B 303 -12.17 -2.40 -9.40
N GLN B 304 -11.30 -1.73 -8.64
CA GLN B 304 -11.46 -1.69 -7.19
C GLN B 304 -12.42 -0.61 -6.69
N GLN B 305 -12.93 0.24 -7.60
CA GLN B 305 -13.94 1.20 -7.21
C GLN B 305 -15.27 0.49 -7.03
N GLY B 306 -15.84 0.63 -5.83
CA GLY B 306 -17.05 -0.08 -5.45
C GLY B 306 -18.29 0.33 -6.21
N GLU B 307 -19.28 -0.56 -6.18
CA GLU B 307 -20.59 -0.32 -6.79
C GLU B 307 -21.34 0.81 -6.04
N PRO B 308 -22.39 1.36 -6.68
CA PRO B 308 -23.21 2.40 -6.05
C PRO B 308 -23.71 2.06 -4.63
N ILE B 309 -24.10 0.80 -4.41
CA ILE B 309 -24.61 0.37 -3.10
C ILE B 309 -23.55 0.47 -1.99
N GLU B 310 -22.28 0.30 -2.36
CA GLU B 310 -21.17 0.48 -1.41
C GLU B 310 -20.51 1.86 -1.56
N GLY B 311 -21.24 2.79 -2.18
CA GLY B 311 -20.90 4.21 -2.16
C GLY B 311 -19.78 4.70 -3.07
N GLY B 312 -19.27 3.82 -3.94
CA GLY B 312 -18.22 4.21 -4.88
C GLY B 312 -16.86 4.47 -4.25
N GLY B 313 -16.67 4.00 -3.03
CA GLY B 313 -15.34 3.99 -2.40
C GLY B 313 -14.51 2.86 -2.97
N PHE B 314 -13.21 2.89 -2.72
CA PHE B 314 -12.31 1.85 -3.19
C PHE B 314 -12.11 0.74 -2.16
N ARG B 315 -12.06 -0.50 -2.63
CA ARG B 315 -11.61 -1.62 -1.81
C ARG B 315 -10.10 -1.82 -2.04
N GLY B 316 -9.44 -2.51 -1.10
CA GLY B 316 -8.00 -2.72 -1.16
C GLY B 316 -7.55 -3.93 -1.97
N ARG B 317 -8.46 -4.89 -2.09
CA ARG B 317 -8.21 -6.10 -2.90
C ARG B 317 -9.52 -6.76 -3.30
N THR B 318 -9.47 -7.53 -4.37
CA THR B 318 -10.64 -8.22 -4.93
C THR B 318 -11.40 -9.01 -3.86
N ASN B 319 -12.73 -8.86 -3.87
CA ASN B 319 -13.64 -9.57 -2.95
C ASN B 319 -13.47 -9.22 -1.47
N LYS B 320 -12.83 -8.09 -1.20
CA LYS B 320 -12.77 -7.54 0.15
C LYS B 320 -13.65 -6.29 0.22
N LEU B 321 -13.53 -5.53 1.31
CA LEU B 321 -14.47 -4.43 1.59
C LEU B 321 -13.95 -3.05 1.20
N VAL B 322 -14.86 -2.18 0.78
CA VAL B 322 -14.51 -0.78 0.52
C VAL B 322 -14.08 -0.11 1.82
N ASP B 323 -13.15 0.83 1.71
CA ASP B 323 -12.51 1.45 2.86
C ASP B 323 -11.98 2.81 2.44
N GLY B 324 -12.35 3.83 3.20
CA GLY B 324 -11.96 5.21 2.94
C GLY B 324 -10.48 5.46 2.71
N CYS B 325 -9.61 4.71 3.38
CA CYS B 325 -8.16 4.95 3.23
C CYS B 325 -7.65 4.62 1.83
N TYR B 326 -8.34 3.72 1.13
CA TYR B 326 -7.95 3.33 -0.23
C TYR B 326 -8.27 4.38 -1.29
N SER B 327 -8.96 5.44 -0.88
CA SER B 327 -9.15 6.61 -1.73
C SER B 327 -7.78 7.18 -2.09
N TRP B 328 -6.85 7.20 -1.12
CA TRP B 328 -5.48 7.56 -1.44
C TRP B 328 -4.70 6.40 -2.09
N TRP B 329 -4.69 5.23 -1.47
CA TRP B 329 -3.83 4.14 -1.95
C TRP B 329 -4.18 3.68 -3.36
N VAL B 330 -5.48 3.52 -3.64
CA VAL B 330 -5.91 3.12 -4.98
C VAL B 330 -6.20 4.34 -5.88
N GLY B 331 -7.02 5.26 -5.39
CA GLY B 331 -7.34 6.48 -6.14
C GLY B 331 -6.12 7.30 -6.53
N GLY B 332 -5.18 7.46 -5.60
CA GLY B 332 -3.95 8.23 -5.84
C GLY B 332 -2.96 7.56 -6.78
N GLY B 333 -3.17 6.27 -7.04
CA GLY B 333 -2.38 5.54 -8.01
C GLY B 333 -2.88 5.70 -9.44
N ALA B 334 -4.15 6.08 -9.57
CA ALA B 334 -4.79 6.25 -10.88
C ALA B 334 -4.05 7.23 -11.82
N PRO B 335 -3.71 8.44 -11.34
CA PRO B 335 -3.00 9.36 -12.24
C PRO B 335 -1.59 8.88 -12.61
N VAL B 336 -0.97 8.07 -11.75
CA VAL B 336 0.33 7.48 -12.05
C VAL B 336 0.19 6.42 -13.15
N ALA B 337 -0.74 5.47 -12.94
CA ALA B 337 -1.04 4.44 -13.94
C ALA B 337 -1.45 5.05 -15.27
N GLU B 338 -2.30 6.08 -15.21
CA GLU B 338 -2.76 6.78 -16.41
C GLU B 338 -1.60 7.36 -17.23
N GLU B 339 -0.67 8.02 -16.54
CA GLU B 339 0.50 8.61 -17.18
C GLU B 339 1.40 7.55 -17.83
N LEU B 340 1.59 6.43 -17.14
CA LEU B 340 2.40 5.33 -17.66
C LEU B 340 1.77 4.70 -18.90
N VAL B 341 0.44 4.58 -18.90
CA VAL B 341 -0.31 4.11 -20.06
C VAL B 341 -0.14 5.09 -21.23
N ARG B 342 -0.25 6.38 -20.93
CA ARG B 342 -0.10 7.44 -21.94
C ARG B 342 1.27 7.38 -22.63
N ARG B 343 2.32 7.21 -21.83
CA ARG B 343 3.69 7.13 -22.34
C ARG B 343 3.90 5.91 -23.24
N GLU B 344 3.32 4.78 -22.85
CA GLU B 344 3.44 3.53 -23.58
C GLU B 344 2.78 3.61 -24.96
N LYS B 345 1.62 4.26 -25.02
CA LYS B 345 0.91 4.46 -26.28
C LYS B 345 1.68 5.40 -27.21
N SER B 346 2.31 6.41 -26.62
CA SER B 346 3.17 7.35 -27.36
C SER B 346 4.44 6.66 -27.87
N ARG B 347 4.93 5.71 -27.08
CA ARG B 347 6.12 4.92 -27.44
C ARG B 347 5.85 4.02 -28.64
N LYS B 348 4.64 3.48 -28.73
CA LYS B 348 4.22 2.65 -29.87
C LYS B 348 3.85 3.50 -31.08
N VAL B 349 3.26 4.66 -30.85
CA VAL B 349 2.89 5.60 -31.92
C VAL B 349 3.87 6.77 -31.97
N ILE B 371 -10.38 14.40 -23.07
CA ILE B 371 -10.10 13.11 -22.45
C ILE B 371 -10.90 12.93 -21.14
N PRO B 372 -11.71 11.86 -21.06
CA PRO B 372 -12.53 11.60 -19.89
C PRO B 372 -11.70 11.11 -18.69
N PRO B 373 -12.21 11.32 -17.46
CA PRO B 373 -11.55 10.80 -16.27
C PRO B 373 -11.54 9.27 -16.28
N ILE B 374 -10.60 8.68 -15.56
CA ILE B 374 -10.40 7.23 -15.62
C ILE B 374 -11.07 6.47 -14.48
N PHE B 375 -11.34 7.16 -13.37
CA PHE B 375 -12.16 6.62 -12.30
C PHE B 375 -13.29 7.60 -12.00
N ASN B 376 -14.30 7.14 -11.28
CA ASN B 376 -15.44 8.00 -10.96
C ASN B 376 -15.09 9.00 -9.86
N ARG B 377 -14.62 10.16 -10.29
CA ARG B 377 -14.19 11.24 -9.42
C ARG B 377 -15.32 11.77 -8.54
N VAL B 378 -16.55 11.74 -9.05
CA VAL B 378 -17.72 12.22 -8.32
C VAL B 378 -18.10 11.24 -7.21
N ALA B 379 -18.23 9.96 -7.57
CA ALA B 379 -18.61 8.91 -6.61
C ALA B 379 -17.64 8.82 -5.44
N LEU B 380 -16.35 8.98 -5.72
CA LEU B 380 -15.32 8.91 -4.67
C LEU B 380 -15.46 10.05 -3.66
N GLN B 381 -15.76 11.25 -4.15
CA GLN B 381 -16.01 12.39 -3.28
C GLN B 381 -17.28 12.17 -2.45
N GLU B 382 -18.30 11.58 -3.09
CA GLU B 382 -19.54 11.25 -2.39
C GLU B 382 -19.32 10.23 -1.28
N PHE B 383 -18.49 9.22 -1.53
CA PHE B 383 -18.13 8.27 -0.48
C PHE B 383 -17.49 9.01 0.70
N THR B 384 -16.54 9.90 0.38
CA THR B 384 -15.83 10.68 1.41
C THR B 384 -16.79 11.54 2.24
N LEU B 385 -17.65 12.30 1.56
CA LEU B 385 -18.55 13.25 2.22
C LEU B 385 -19.68 12.57 2.99
N VAL B 386 -20.26 11.53 2.38
CA VAL B 386 -21.45 10.87 2.93
C VAL B 386 -21.10 9.76 3.94
N ALA B 387 -20.13 8.92 3.59
CA ALA B 387 -19.85 7.70 4.37
C ALA B 387 -18.61 7.76 5.26
N ALA B 388 -17.59 8.50 4.84
CA ALA B 388 -16.28 8.46 5.52
C ALA B 388 -16.12 9.47 6.64
N GLN B 389 -16.99 10.48 6.69
CA GLN B 389 -16.95 11.46 7.78
C GLN B 389 -17.62 10.90 9.02
N GLN B 390 -17.07 11.22 10.19
CA GLN B 390 -17.73 10.96 11.46
C GLN B 390 -19.07 11.69 11.46
N ASP B 391 -20.09 11.07 12.06
CA ASP B 391 -21.40 11.70 12.22
C ASP B 391 -21.24 13.06 12.90
N PRO B 392 -22.02 14.06 12.45
CA PRO B 392 -21.85 15.46 12.91
C PRO B 392 -22.11 15.67 14.40
N GLY B 393 -21.53 16.73 14.95
CA GLY B 393 -21.72 17.11 16.36
C GLY B 393 -20.99 16.21 17.35
N SER B 394 -20.01 15.46 16.86
CA SER B 394 -19.29 14.50 17.69
C SER B 394 -17.77 14.79 17.68
N THR B 395 -16.98 13.73 17.62
CA THR B 395 -15.51 13.83 17.70
C THR B 395 -14.87 14.43 16.44
N GLY B 396 -15.58 14.33 15.31
CA GLY B 396 -15.00 14.66 14.02
C GLY B 396 -14.03 13.57 13.58
N GLY B 397 -13.27 13.83 12.52
CA GLY B 397 -12.35 12.85 11.95
C GLY B 397 -13.00 12.04 10.86
N LEU B 398 -12.17 11.43 10.02
CA LEU B 398 -12.65 10.55 8.96
C LEU B 398 -12.26 9.09 9.22
N ARG B 399 -12.99 8.18 8.58
CA ARG B 399 -12.98 6.78 8.97
C ARG B 399 -12.91 5.79 7.80
N ASP B 400 -12.68 4.53 8.14
CA ASP B 400 -12.72 3.40 7.23
C ASP B 400 -14.09 3.32 6.54
N LYS B 401 -15.13 3.10 7.34
CA LYS B 401 -16.52 3.01 6.87
C LYS B 401 -17.45 3.25 8.06
N PRO B 402 -18.76 3.42 7.79
CA PRO B 402 -19.71 3.52 8.91
C PRO B 402 -19.54 2.35 9.86
N GLY B 403 -19.60 2.62 11.16
CA GLY B 403 -19.41 1.59 12.18
C GLY B 403 -17.99 1.51 12.71
N LYS B 404 -17.07 2.21 12.05
CA LYS B 404 -15.68 2.25 12.49
C LYS B 404 -15.35 3.61 13.09
N ARG B 405 -14.61 3.60 14.19
CA ARG B 405 -14.14 4.82 14.83
C ARG B 405 -13.19 5.55 13.88
N PRO B 406 -13.29 6.88 13.79
CA PRO B 406 -12.33 7.64 13.00
C PRO B 406 -10.95 7.60 13.63
N ASP B 407 -9.90 7.73 12.82
CA ASP B 407 -8.54 7.86 13.35
C ASP B 407 -7.68 8.76 12.47
N GLN B 408 -6.46 9.04 12.93
CA GLN B 408 -5.53 9.92 12.22
C GLN B 408 -5.17 9.37 10.85
N TYR B 409 -4.88 8.08 10.80
CA TYR B 409 -4.54 7.38 9.56
C TYR B 409 -5.65 7.50 8.50
N HIS B 410 -6.89 7.23 8.90
CA HIS B 410 -7.99 7.35 7.96
C HIS B 410 -8.34 8.79 7.61
N THR B 411 -8.14 9.71 8.56
CA THR B 411 -8.35 11.12 8.29
C THR B 411 -7.43 11.58 7.17
N CYS B 412 -6.14 11.27 7.30
CA CYS B 412 -5.13 11.65 6.31
C CYS B 412 -5.40 11.05 4.94
N ASN B 413 -5.67 9.75 4.90
CA ASN B 413 -5.82 9.04 3.63
C ASN B 413 -7.14 9.26 2.90
N ASN B 414 -8.22 9.45 3.66
CA ASN B 414 -9.48 9.92 3.07
C ASN B 414 -9.29 11.28 2.40
N LEU B 415 -8.67 12.21 3.12
CA LEU B 415 -8.48 13.56 2.61
C LEU B 415 -7.51 13.59 1.42
N SER B 416 -6.43 12.81 1.49
CA SER B 416 -5.48 12.71 0.38
C SER B 416 -6.17 12.19 -0.88
N GLY B 417 -7.03 11.18 -0.71
CA GLY B 417 -7.83 10.62 -1.79
C GLY B 417 -8.87 11.59 -2.32
N LEU B 418 -9.54 12.31 -1.42
CA LEU B 418 -10.49 13.35 -1.79
C LEU B 418 -9.83 14.41 -2.67
N SER B 419 -8.61 14.79 -2.31
CA SER B 419 -7.83 15.77 -3.09
C SER B 419 -7.59 15.29 -4.52
N ILE B 420 -7.19 14.04 -4.67
CA ILE B 420 -6.96 13.42 -5.98
C ILE B 420 -8.24 13.43 -6.84
N ALA B 421 -9.38 13.19 -6.20
CA ALA B 421 -10.67 13.19 -6.90
C ALA B 421 -11.11 14.60 -7.28
N GLN B 422 -10.88 15.57 -6.39
CA GLN B 422 -11.28 16.95 -6.61
C GLN B 422 -10.49 17.62 -7.72
N HIS B 423 -9.19 17.32 -7.78
CA HIS B 423 -8.27 17.99 -8.69
C HIS B 423 -7.65 17.03 -9.70
N LYS B 424 -7.80 17.36 -10.98
CA LYS B 424 -7.24 16.56 -12.06
C LYS B 424 -5.73 16.80 -12.17
N MET B 425 -4.96 15.89 -11.57
CA MET B 425 -3.50 15.97 -11.60
C MET B 425 -2.92 15.23 -12.79
N SER B 426 -2.03 15.91 -13.52
CA SER B 426 -1.37 15.34 -14.68
C SER B 426 0.13 15.61 -14.62
N HIS B 427 0.92 14.68 -15.13
CA HIS B 427 2.35 14.88 -15.27
C HIS B 427 2.61 15.47 -16.66
N SER B 428 3.06 16.71 -16.68
CA SER B 428 3.13 17.50 -17.92
C SER B 428 4.54 17.54 -18.53
N PRO B 429 4.71 16.95 -19.74
CA PRO B 429 5.99 16.95 -20.42
C PRO B 429 6.52 18.36 -20.69
N SER B 430 5.63 19.30 -21.00
CA SER B 430 6.02 20.70 -21.23
C SER B 430 6.49 21.38 -19.94
N THR B 431 5.87 21.04 -18.81
CA THR B 431 6.33 21.52 -17.50
C THR B 431 7.71 20.95 -17.18
N VAL B 432 7.89 19.66 -17.42
CA VAL B 432 9.18 19.01 -17.24
C VAL B 432 10.25 19.65 -18.14
N SER B 433 9.88 19.96 -19.38
CA SER B 433 10.78 20.65 -20.31
C SER B 433 11.18 22.04 -19.82
N SER B 434 10.21 22.78 -19.29
CA SER B 434 10.45 24.10 -18.72
C SER B 434 11.38 24.01 -17.51
N ASN B 435 11.18 22.98 -16.69
CA ASN B 435 12.05 22.70 -15.55
C ASN B 435 13.49 22.43 -15.98
N ARG B 436 13.67 21.60 -17.00
CA ARG B 436 14.98 21.34 -17.58
C ARG B 436 15.69 22.62 -18.00
N LEU B 437 14.95 23.52 -18.63
CA LEU B 437 15.50 24.78 -19.15
C LEU B 437 15.97 25.74 -18.06
N LYS B 438 15.37 25.67 -16.88
CA LYS B 438 15.72 26.55 -15.77
C LYS B 438 16.70 25.94 -14.75
N PHE B 439 16.95 24.64 -14.87
CA PHE B 439 17.83 23.94 -13.95
C PHE B 439 19.26 24.49 -13.99
N ASP B 440 19.86 24.65 -12.81
CA ASP B 440 21.21 25.15 -12.67
C ASP B 440 22.10 24.08 -12.04
N ALA B 441 22.83 23.35 -12.89
CA ALA B 441 23.65 22.22 -12.46
C ALA B 441 24.88 22.63 -11.65
N SER B 442 25.32 23.88 -11.81
CA SER B 442 26.44 24.42 -11.05
C SER B 442 26.10 24.66 -9.57
N LYS B 443 24.81 24.54 -9.25
CA LYS B 443 24.33 24.67 -7.88
C LYS B 443 23.92 23.31 -7.34
N GLY B 444 24.35 23.00 -6.13
CA GLY B 444 24.01 21.72 -5.50
C GLY B 444 24.81 21.44 -4.24
N LEU B 445 24.31 20.49 -3.45
CA LEU B 445 25.00 20.06 -2.24
C LEU B 445 26.08 19.03 -2.60
N PRO B 446 27.04 18.78 -1.70
CA PRO B 446 28.08 17.79 -2.00
C PRO B 446 27.50 16.43 -2.39
N ALA B 447 28.07 15.83 -3.43
CA ALA B 447 27.68 14.51 -3.89
C ALA B 447 27.95 13.47 -2.81
N VAL B 448 27.04 12.51 -2.67
CA VAL B 448 27.26 11.41 -1.72
C VAL B 448 28.41 10.52 -2.18
N LYS B 449 29.21 10.06 -1.22
CA LYS B 449 30.28 9.11 -1.47
C LYS B 449 29.69 7.70 -1.48
N PRO B 450 29.80 6.99 -2.61
CA PRO B 450 29.26 5.63 -2.71
C PRO B 450 29.97 4.65 -1.78
N VAL B 451 29.28 3.59 -1.39
CA VAL B 451 29.84 2.52 -0.54
C VAL B 451 30.93 1.75 -1.29
N ALA B 452 30.65 1.37 -2.52
CA ALA B 452 31.62 0.72 -3.40
C ALA B 452 32.29 1.76 -4.30
N PRO B 453 33.61 1.61 -4.57
CA PRO B 453 34.34 2.58 -5.38
C PRO B 453 33.69 2.90 -6.74
N GLY B 454 33.18 1.87 -7.42
CA GLY B 454 32.52 2.07 -8.71
C GLY B 454 31.01 2.18 -8.60
N GLY B 455 30.51 2.48 -7.40
CA GLY B 455 29.07 2.54 -7.15
C GLY B 455 28.40 3.86 -7.51
N GLY B 456 29.21 4.88 -7.78
CA GLY B 456 28.69 6.20 -8.13
C GLY B 456 28.41 6.37 -9.61
N TRP B 457 28.12 7.61 -10.00
CA TRP B 457 27.92 7.94 -11.41
C TRP B 457 29.26 7.92 -12.15
N LYS B 458 29.22 7.58 -13.45
CA LYS B 458 30.41 7.43 -14.29
C LYS B 458 31.28 8.70 -14.29
N ASN B 459 30.63 9.85 -14.34
CA ASN B 459 31.31 11.15 -14.32
C ASN B 459 30.35 12.26 -13.88
N GLU B 460 30.85 13.47 -13.80
CA GLU B 460 30.06 14.62 -13.35
C GLU B 460 28.95 15.00 -14.33
N ASP B 461 29.23 14.86 -15.64
CA ASP B 461 28.22 15.12 -16.67
C ASP B 461 26.99 14.22 -16.51
N GLU B 462 27.23 12.93 -16.27
CA GLU B 462 26.14 11.96 -16.10
C GLU B 462 25.39 12.15 -14.79
N ARG B 463 26.11 12.55 -13.74
CA ARG B 463 25.48 12.85 -12.45
C ARG B 463 24.58 14.07 -12.57
N GLN B 464 25.07 15.12 -13.22
CA GLN B 464 24.31 16.36 -13.40
C GLN B 464 23.10 16.19 -14.30
N ASN B 465 23.23 15.36 -15.34
CA ASN B 465 22.09 15.00 -16.19
C ASN B 465 21.03 14.26 -15.38
N ALA B 466 21.46 13.38 -14.48
CA ALA B 466 20.57 12.65 -13.59
C ALA B 466 19.88 13.58 -12.58
N ARG B 467 20.66 14.46 -11.95
CA ARG B 467 20.12 15.48 -11.04
C ARG B 467 19.01 16.28 -11.69
N ARG B 468 19.27 16.74 -12.92
CA ARG B 468 18.31 17.50 -13.69
C ARG B 468 17.03 16.71 -13.95
N GLU B 469 17.18 15.48 -14.43
CA GLU B 469 16.03 14.62 -14.74
C GLU B 469 15.19 14.30 -13.51
N ILE B 470 15.84 13.96 -12.42
CA ILE B 470 15.16 13.61 -11.17
C ILE B 470 14.37 14.80 -10.63
N TRP B 471 15.04 15.96 -10.57
CA TRP B 471 14.43 17.20 -10.09
C TRP B 471 13.31 17.70 -11.01
N ALA B 472 13.56 17.71 -12.31
CA ALA B 472 12.59 18.22 -13.30
C ALA B 472 11.30 17.41 -13.32
N ASN B 473 11.43 16.08 -13.24
CA ASN B 473 10.28 15.19 -13.22
C ASN B 473 9.53 15.20 -11.88
N ALA B 474 10.26 15.34 -10.79
CA ALA B 474 9.64 15.46 -9.46
C ALA B 474 8.70 16.67 -9.39
N LEU B 475 9.03 17.71 -10.16
CA LEU B 475 8.22 18.93 -10.22
C LEU B 475 7.37 19.01 -11.50
N GLY B 476 7.03 17.85 -12.05
CA GLY B 476 6.28 17.77 -13.30
C GLY B 476 4.77 17.69 -13.16
N TRP B 477 4.29 17.47 -11.93
CA TRP B 477 2.85 17.31 -11.68
C TRP B 477 2.15 18.67 -11.66
N ILE B 478 1.13 18.80 -12.50
CA ILE B 478 0.36 20.04 -12.56
C ILE B 478 -1.12 19.81 -12.34
N GLU B 479 -1.79 20.86 -11.86
CA GLU B 479 -3.22 20.89 -11.71
C GLU B 479 -3.78 21.34 -13.06
N GLU B 480 -4.48 20.44 -13.74
CA GLU B 480 -5.05 20.76 -15.05
C GLU B 480 -6.10 21.85 -14.98
N GLU B 481 -5.93 22.86 -15.83
CA GLU B 481 -6.88 23.98 -15.94
C GLU B 481 -8.23 23.46 -16.41
N GLY B 482 -9.28 23.83 -15.68
CA GLY B 482 -10.65 23.40 -15.97
C GLY B 482 -10.95 21.98 -15.55
N GLY B 483 -10.01 21.32 -14.87
CA GLY B 483 -10.18 19.94 -14.46
C GLY B 483 -10.79 19.75 -13.08
N GLU B 484 -11.06 20.86 -12.40
CA GLU B 484 -11.56 20.83 -11.03
C GLU B 484 -13.03 20.40 -10.97
N ILE B 485 -13.31 19.42 -10.10
CA ILE B 485 -14.69 19.02 -9.80
C ILE B 485 -14.84 18.95 -8.29
N ILE B 486 -15.50 19.95 -7.70
CA ILE B 486 -15.75 19.95 -6.27
C ILE B 486 -17.21 19.62 -6.00
N VAL B 487 -17.45 18.35 -5.67
CA VAL B 487 -18.81 17.86 -5.38
C VAL B 487 -19.37 18.55 -4.13
N GLY B 488 -20.58 19.09 -4.26
CA GLY B 488 -21.26 19.74 -3.15
C GLY B 488 -20.97 21.22 -3.00
N GLY B 489 -20.16 21.76 -3.91
CA GLY B 489 -19.86 23.20 -3.91
C GLY B 489 -18.48 23.53 -3.37
N LYS B 490 -18.04 24.76 -3.64
CA LYS B 490 -16.65 25.17 -3.42
C LYS B 490 -16.21 25.18 -1.95
N ASP B 491 -17.15 25.23 -1.01
CA ASP B 491 -16.81 25.12 0.40
C ASP B 491 -16.23 23.76 0.79
N ASN B 492 -16.50 22.75 -0.04
CA ASN B 492 -15.91 21.42 0.14
C ASN B 492 -14.47 21.27 -0.38
N ARG B 493 -13.96 22.30 -1.05
CA ARG B 493 -12.63 22.26 -1.66
C ARG B 493 -11.52 22.13 -0.63
N ILE B 494 -10.67 21.12 -0.81
CA ILE B 494 -9.42 21.04 -0.07
C ILE B 494 -8.25 21.28 -1.03
N ASN B 495 -7.04 21.40 -0.48
CA ASN B 495 -5.87 21.68 -1.30
C ASN B 495 -5.42 20.50 -2.15
N THR B 496 -4.57 20.78 -3.13
CA THR B 496 -4.14 19.77 -4.09
C THR B 496 -2.86 19.07 -3.62
N THR B 497 -2.99 17.77 -3.36
CA THR B 497 -1.82 16.97 -3.02
C THR B 497 -1.09 16.56 -4.30
N THR B 498 0.19 16.24 -4.19
CA THR B 498 0.96 15.79 -5.34
C THR B 498 0.95 14.26 -5.39
N PRO B 499 0.56 13.68 -6.55
CA PRO B 499 0.71 12.24 -6.71
C PRO B 499 2.16 11.81 -6.46
N VAL B 500 2.35 10.53 -6.14
CA VAL B 500 3.66 9.95 -5.85
C VAL B 500 4.18 10.34 -4.47
N PHE B 501 4.29 11.63 -4.18
CA PHE B 501 4.85 12.12 -2.92
C PHE B 501 3.84 12.23 -1.77
N ASN B 502 2.60 12.59 -2.11
CA ASN B 502 1.54 12.92 -1.15
C ASN B 502 1.87 14.04 -0.16
N ILE B 503 2.44 15.12 -0.68
CA ILE B 503 2.46 16.41 0.03
C ILE B 503 2.00 17.48 -0.96
N LEU B 504 1.52 18.62 -0.44
CA LEU B 504 1.09 19.71 -1.31
C LEU B 504 2.23 20.17 -2.20
N GLY B 505 1.90 20.56 -3.43
CA GLY B 505 2.88 21.11 -4.37
C GLY B 505 3.61 22.31 -3.80
N LEU B 506 2.88 23.11 -3.01
CA LEU B 506 3.45 24.30 -2.36
C LEU B 506 4.46 23.95 -1.27
N ARG B 507 4.40 22.70 -0.78
CA ARG B 507 5.41 22.19 0.15
C ARG B 507 6.56 21.53 -0.62
N LEU B 508 6.21 20.72 -1.62
CA LEU B 508 7.19 19.98 -2.41
C LEU B 508 8.22 20.87 -3.09
N LYS B 509 7.75 21.94 -3.74
CA LYS B 509 8.62 22.82 -4.53
C LYS B 509 9.77 23.46 -3.75
N PRO B 510 9.46 24.24 -2.69
CA PRO B 510 10.58 24.86 -1.95
C PRO B 510 11.47 23.85 -1.23
N PHE B 511 10.91 22.72 -0.84
CA PHE B 511 11.66 21.66 -0.16
C PHE B 511 12.70 21.03 -1.08
N ILE B 512 12.27 20.54 -2.24
CA ILE B 512 13.20 19.93 -3.18
C ILE B 512 14.17 20.95 -3.78
N ASN B 513 13.70 22.18 -3.98
CA ASN B 513 14.56 23.27 -4.46
C ASN B 513 15.70 23.57 -3.50
N TYR B 514 15.42 23.46 -2.20
CA TYR B 514 16.44 23.66 -1.17
C TYR B 514 17.57 22.64 -1.29
N PHE B 515 17.21 21.35 -1.41
CA PHE B 515 18.23 20.29 -1.44
C PHE B 515 18.99 20.17 -2.75
N TYR B 516 18.37 20.65 -3.84
CA TYR B 516 19.05 20.73 -5.13
C TYR B 516 19.65 22.12 -5.38
N CYS B 517 19.48 23.02 -4.40
CA CYS B 517 19.96 24.42 -4.48
C CYS B 517 19.42 25.17 -5.70
N GLN B 518 18.12 25.02 -5.96
CA GLN B 518 17.48 25.63 -7.12
C GLN B 518 16.54 26.77 -6.74
N GLU B 519 16.59 27.18 -5.47
CA GLU B 519 15.69 28.20 -4.92
C GLU B 519 15.64 29.50 -5.73
C1 GLC C . 21.88 -2.67 16.63
C2 GLC C . 21.98 -1.29 15.99
C3 GLC C . 22.49 -0.24 16.99
C4 GLC C . 21.67 -0.24 18.28
C5 GLC C . 21.49 -1.66 18.84
C6 GLC C . 20.49 -1.69 20.00
O2 GLC C . 22.86 -1.34 14.85
O3 GLC C . 22.45 1.06 16.40
O4 GLC C . 22.31 0.60 19.25
O5 GLC C . 21.05 -2.62 17.83
O6 GLC C . 19.18 -1.32 19.53
C1 FRU C . 23.87 -4.65 15.10
C2 FRU C . 23.50 -4.55 16.58
C3 FRU C . 24.65 -5.07 17.45
C4 FRU C . 23.91 -5.38 18.74
C5 FRU C . 22.65 -6.06 18.20
C6 FRU C . 21.48 -5.78 19.13
O1 FRU C . 23.71 -6.00 14.64
O2 FRU C . 23.21 -3.17 16.94
O3 FRU C . 25.60 -4.03 17.66
O4 FRU C . 24.67 -6.30 19.52
O5 FRU C . 22.39 -5.44 16.89
O6 FRU C . 20.27 -6.26 18.55
C1 GLC D . -21.29 22.16 -9.11
C2 GLC D . -22.63 22.03 -8.35
C3 GLC D . -22.55 20.94 -7.28
C4 GLC D . -22.01 19.61 -7.86
C5 GLC D . -20.70 19.85 -8.62
C6 GLC D . -20.15 18.56 -9.25
O2 GLC D . -22.95 23.28 -7.73
O3 GLC D . -23.84 20.73 -6.70
O4 GLC D . -21.81 18.68 -6.79
O5 GLC D . -20.87 20.88 -9.64
O6 GLC D . -20.83 18.28 -10.48
C1 FRU D . -19.95 25.10 -8.45
C2 FRU D . -19.40 23.71 -8.78
C3 FRU D . -17.98 23.51 -8.20
C4 FRU D . -17.44 22.46 -9.16
C5 FRU D . -17.88 23.06 -10.48
C6 FRU D . -17.86 22.03 -11.63
O1 FRU D . -19.16 26.12 -9.07
O2 FRU D . -20.28 22.71 -8.21
O3 FRU D . -18.04 23.02 -6.86
O4 FRU D . -16.01 22.39 -9.09
O5 FRU D . -19.24 23.54 -10.22
O6 FRU D . -18.69 20.92 -11.30
C1 GLC E . -27.19 -2.64 -10.92
C2 GLC E . -26.27 -1.80 -10.01
C3 GLC E . -24.89 -2.46 -9.88
C4 GLC E . -25.01 -3.92 -9.41
C5 GLC E . -26.03 -4.70 -10.27
C6 GLC E . -26.31 -6.05 -9.61
O2 GLC E . -26.14 -0.49 -10.55
O3 GLC E . -24.10 -1.73 -8.95
O4 GLC E . -23.72 -4.54 -9.47
O5 GLC E . -27.30 -4.01 -10.42
O6 GLC E . -26.87 -6.92 -10.60
C1 FRU E . -28.12 -0.91 -13.29
C2 FRU E . -27.66 -2.38 -13.31
C3 FRU E . -27.03 -2.74 -14.66
C4 FRU E . -27.15 -4.25 -14.65
C5 FRU E . -28.56 -4.44 -14.09
C6 FRU E . -28.62 -5.75 -13.31
O1 FRU E . -29.31 -0.74 -14.07
O2 FRU E . -26.68 -2.61 -12.27
O3 FRU E . -25.66 -2.34 -14.70
O4 FRU E . -27.08 -4.77 -15.98
O5 FRU E . -28.79 -3.30 -13.18
O6 FRU E . -29.89 -5.87 -12.66
ZN ZN F . -8.51 1.70 6.05
OAA 3FX G . -21.02 28.35 -5.85
OAB 3FX G . -19.99 26.38 -4.96
OAC 3FX G . -19.72 26.95 -1.83
OAD 3FX G . -19.14 28.54 -4.31
CAE 3FX G . -23.62 26.81 4.03
CAF 3FX G . -24.03 27.76 2.90
CAG 3FX G . -23.33 25.40 3.50
CAH 3FX G . -22.94 27.79 1.81
CAI 3FX G . -22.27 25.42 2.38
CAJ 3FX G . -22.03 26.82 -1.04
CAK 3FX G . -21.56 27.73 -3.28
NAL 3FX G . -21.53 26.46 0.29
CAM 3FX G . -21.01 27.60 -1.86
CAN 3FX G . -22.65 26.39 1.24
SAO 3FX G . -20.36 27.74 -4.65
OAA 3FX H . -19.39 21.29 10.80
OAB 3FX H . -16.99 21.55 11.09
OAC 3FX H . -20.18 22.42 13.08
OAD 3FX H . -18.14 22.74 9.38
CAE 3FX H . -23.42 27.96 15.49
CAF 3FX H . -23.12 26.74 16.39
CAG 3FX H . -22.19 28.35 14.65
CAH 3FX H . -22.56 25.56 15.58
CAI 3FX H . -21.66 27.17 13.84
CAJ 3FX H . -19.50 24.58 13.97
CAK 3FX H . -18.53 23.69 11.83
NAL 3FX H . -20.95 24.81 13.88
CAM 3FX H . -19.08 23.31 13.21
CAN 3FX H . -21.34 25.95 14.73
SAO 3FX H . -18.24 22.27 10.71
OAA 3FX I . 23.08 5.22 16.05
OAB 3FX I . 25.37 5.30 16.94
OAC 3FX I . 23.48 3.61 18.25
OAD 3FX I . 24.18 7.30 16.42
CAE 3FX I . 17.73 1.36 21.57
CAF 3FX I . 18.71 2.05 22.54
CAG 3FX I . 17.66 2.09 20.22
CAH 3FX I . 20.09 2.26 21.90
CAI 3FX I . 19.04 2.31 19.61
CAJ 3FX I . 21.57 4.47 19.46
CAK 3FX I . 23.35 6.03 18.62
NAL 3FX I . 21.32 3.12 19.98
CAM 3FX I . 23.06 4.63 19.18
CAN 3FX I . 19.99 3.04 20.58
SAO 3FX I . 24.02 5.99 16.93
S SO4 J . 6.49 1.79 10.78
O1 SO4 J . 5.14 1.48 11.23
O2 SO4 J . 6.55 3.18 10.36
O3 SO4 J . 7.45 1.55 11.87
O4 SO4 J . 6.83 0.92 9.67
C1 FPP K . -4.03 -5.79 4.47
O1 FPP K . -4.68 -5.37 5.68
C2 FPP K . -3.09 -4.84 4.05
C3 FPP K . -1.69 -4.88 4.17
C4 FPP K . -1.00 -6.07 4.84
C5 FPP K . -0.80 -3.76 3.61
C6 FPP K . -1.51 -2.42 3.34
C7 FPP K . -0.63 -1.43 2.90
C8 FPP K . -0.87 -0.07 2.72
C10 FPP K . -2.29 0.51 2.94
C9 FPP K . 0.19 0.87 2.17
C11 FPP K . 1.42 1.09 3.05
C12 FPP K . 2.17 2.15 2.54
C13 FPP K . 3.20 2.86 3.17
C14 FPP K . 3.65 2.49 4.58
C15 FPP K . 3.89 4.00 2.43
PA FPP K . -6.21 -5.74 6.05
O1A FPP K . -6.50 -7.15 5.68
O2A FPP K . -6.44 -5.29 7.42
O3A FPP K . -7.04 -4.74 5.06
PB FPP K . -8.00 -5.20 3.82
O1B FPP K . -9.15 -6.03 4.25
O2B FPP K . -7.09 -5.91 2.73
O3B FPP K . -8.44 -3.81 3.17
N1 778 L . -3.86 -0.54 9.54
C2 778 L . -4.09 0.80 10.12
C3 778 L . -5.12 -1.30 9.46
C4 778 L . -2.80 -1.23 10.30
C5 778 L . -2.91 1.71 9.75
C7 778 L . -5.89 -0.82 8.22
C8 778 L . -1.52 -0.38 10.19
N9 778 L . -1.59 1.01 9.94
N11 778 L . -5.71 -1.19 6.96
C12 778 L . -6.86 0.10 8.21
O13 778 L . -0.43 -0.93 10.33
C14 778 L . -0.41 1.79 9.82
C16 778 L . -4.76 -2.21 6.49
C17 778 L . -6.56 -0.55 6.16
N18 778 L . -7.26 0.27 6.95
C20 778 L . -0.12 2.36 8.58
C21 778 L . 0.45 2.00 10.89
C25 778 L . -3.29 -1.76 6.54
C26 778 L . 1.03 3.12 8.41
C27 778 L . 1.61 2.76 10.73
C28 778 L . -2.33 -2.70 6.92
C29 778 L . -2.91 -0.47 6.20
C30 778 L . 1.90 3.33 9.48
CL31 778 L . 1.35 3.82 6.86
C32 778 L . -0.98 -2.34 6.96
C33 778 L . -1.57 -0.11 6.24
C34 778 L . -0.61 -1.04 6.62
C35 778 L . 0.78 -0.67 6.67
N36 778 L . 1.88 -0.36 6.71
#